data_3IHM
#
_entry.id   3IHM
#
_cell.length_a   114.302
_cell.length_b   114.302
_cell.length_c   140.803
_cell.angle_alpha   90.000
_cell.angle_beta   90.000
_cell.angle_gamma   120.000
#
_symmetry.space_group_name_H-M   'P 63'
#
loop_
_entity.id
_entity.type
_entity.pdbx_description
1 polymer 'Styrene monooxygenase A'
2 water water
#
_entity_poly.entity_id   1
_entity_poly.type   'polypeptide(L)'
_entity_poly.pdbx_seq_one_letter_code
;MGSSHHHHHHSSGLVPRGSHMKKRIGIVGAGTAGLHLGLFLRQHDVDVTVYTDRKPDEYSGLRLLNTVAHNAVTVQREVA
LDVNEWPSEEFGYFGHYYYVGGPQPMRFYGDLKAPSRAVDYRLYQPMLMRALEARGGKFCYDAVSAEDLEGLSEQYDLLV
VCTGKYALGKVFEKQSENSPFEKPQRALCVGLFKGIKEAPIRAVTMSFSPGHGELIEIPTLSFNGMSTALVLENHIGSDL
EVLAHTKYDDDPRAFLDLMLEKLGKHHPSVAERIDPAEFDLANSSLDILQGGVVPAFRDGHATLNNGKTIIGLGDIQATV
DPVLGQGANMASYAAWILGEEILAHSVYDLRFSEHLERRRQDRVLCATRWTNFTLSALSALPPEFLAFLQILSQSREMAD
EFTDNFNYPERQWDRFSSPERIGQWCSQFA
;
_entity_poly.pdbx_strand_id   A,B
#
# COMPACT_ATOMS: atom_id res chain seq x y z
N LYS A 23 10.92 14.22 32.00
CA LYS A 23 12.33 13.82 31.73
C LYS A 23 12.42 12.69 30.71
N ARG A 24 11.57 11.68 30.87
CA ARG A 24 11.58 10.53 29.96
C ARG A 24 10.18 10.22 29.44
N ILE A 25 9.98 10.48 28.15
CA ILE A 25 8.67 10.41 27.53
C ILE A 25 8.60 9.33 26.46
N GLY A 26 7.54 8.54 26.48
CA GLY A 26 7.26 7.55 25.44
C GLY A 26 6.10 7.99 24.58
N ILE A 27 6.31 7.99 23.27
CA ILE A 27 5.30 8.42 22.31
C ILE A 27 4.90 7.26 21.40
N VAL A 28 3.64 6.85 21.49
CA VAL A 28 3.11 5.78 20.65
C VAL A 28 2.52 6.36 19.37
N GLY A 29 3.18 6.08 18.27
CA GLY A 29 2.81 6.63 16.96
C GLY A 29 3.66 7.82 16.59
N ALA A 30 4.01 7.93 15.32
CA ALA A 30 4.71 9.11 14.82
C ALA A 30 3.69 10.11 14.30
N GLY A 31 3.72 10.38 12.99
CA GLY A 31 2.85 11.37 12.39
C GLY A 31 3.27 12.78 12.79
N THR A 32 2.50 13.77 12.35
CA THR A 32 2.77 15.16 12.69
C THR A 32 2.70 15.38 14.20
N ALA A 33 1.70 14.78 14.85
CA ALA A 33 1.53 14.90 16.30
C ALA A 33 2.73 14.38 17.08
N GLY A 34 3.11 13.12 16.82
CA GLY A 34 4.20 12.47 17.55
C GLY A 34 5.56 13.08 17.31
N LEU A 35 5.85 13.39 16.05
CA LEU A 35 7.17 13.90 15.67
C LEU A 35 7.39 15.36 16.06
N HIS A 36 6.33 16.17 15.98
CA HIS A 36 6.39 17.57 16.45
C HIS A 36 6.62 17.62 17.96
N LEU A 37 5.88 16.79 18.70
CA LEU A 37 6.05 16.66 20.14
C LEU A 37 7.47 16.21 20.48
N GLY A 38 7.94 15.16 19.81
CA GLY A 38 9.29 14.65 19.98
C GLY A 38 10.35 15.70 19.74
N LEU A 39 10.21 16.42 18.64
CA LEU A 39 11.14 17.50 18.28
C LEU A 39 11.15 18.62 19.32
N PHE A 40 9.96 18.97 19.82
CA PHE A 40 9.84 20.01 20.84
C PHE A 40 10.58 19.61 22.12
N LEU A 41 10.35 18.38 22.55
CA LEU A 41 10.91 17.87 23.80
C LEU A 41 12.43 17.72 23.74
N ARG A 42 12.96 17.36 22.57
CA ARG A 42 14.41 17.21 22.38
C ARG A 42 15.16 18.55 22.44
N GLN A 43 14.47 19.64 22.11
CA GLN A 43 15.04 20.98 22.22
C GLN A 43 15.31 21.34 23.68
N HIS A 44 14.51 20.77 24.59
CA HIS A 44 14.66 20.99 26.01
C HIS A 44 15.37 19.81 26.68
N ASP A 45 16.05 19.02 25.86
CA ASP A 45 16.90 17.89 26.30
C ASP A 45 16.19 16.87 27.21
N VAL A 46 14.92 16.57 26.91
CA VAL A 46 14.24 15.46 27.59
C VAL A 46 14.32 14.19 26.74
N ASP A 47 14.37 13.05 27.41
CA ASP A 47 14.52 11.75 26.76
C ASP A 47 13.23 11.38 26.01
N VAL A 48 13.37 11.10 24.71
CA VAL A 48 12.24 10.83 23.84
C VAL A 48 12.37 9.51 23.10
N THR A 49 11.34 8.68 23.17
CA THR A 49 11.25 7.45 22.41
C THR A 49 9.93 7.39 21.64
N VAL A 50 10.02 7.18 20.33
CA VAL A 50 8.85 7.09 19.47
C VAL A 50 8.66 5.65 18.98
N TYR A 51 7.43 5.14 19.14
CA TYR A 51 7.07 3.82 18.67
C TYR A 51 6.31 3.90 17.35
N THR A 52 6.93 3.40 16.28
CA THR A 52 6.33 3.38 14.95
C THR A 52 6.59 2.08 14.20
N ASP A 53 5.72 1.79 13.24
CA ASP A 53 5.87 0.62 12.39
C ASP A 53 6.35 1.00 10.98
N ARG A 54 6.86 2.21 10.83
CA ARG A 54 7.38 2.68 9.54
C ARG A 54 8.73 3.37 9.68
N LYS A 55 9.72 2.85 8.96
CA LYS A 55 11.04 3.47 8.89
C LYS A 55 11.04 4.59 7.86
N PRO A 56 11.95 5.59 8.01
CA PRO A 56 12.00 6.73 7.11
C PRO A 56 12.13 6.37 5.62
N ASP A 57 12.97 5.40 5.30
CA ASP A 57 13.22 5.02 3.91
C ASP A 57 12.08 4.18 3.30
N GLU A 58 11.09 3.85 4.13
CA GLU A 58 9.96 3.05 3.70
C GLU A 58 8.74 3.89 3.25
N TYR A 59 8.83 5.20 3.41
CA TYR A 59 7.70 6.08 3.10
C TYR A 59 7.43 6.28 1.61
N SER A 60 8.49 6.37 0.81
CA SER A 60 8.38 6.64 -0.62
C SER A 60 7.60 5.57 -1.40
N GLY A 61 7.56 4.36 -0.86
CA GLY A 61 6.84 3.24 -1.48
C GLY A 61 5.46 2.97 -0.92
N LEU A 62 4.95 3.89 -0.09
CA LEU A 62 3.64 3.72 0.54
C LEU A 62 2.51 4.22 -0.34
N ARG A 63 1.29 3.73 -0.06
CA ARG A 63 0.09 4.29 -0.64
C ARG A 63 -0.14 5.69 -0.06
N LEU A 64 -0.82 6.54 -0.82
CA LEU A 64 -1.08 7.92 -0.44
C LEU A 64 -1.55 8.07 1.01
N LEU A 65 -0.94 9.01 1.72
CA LEU A 65 -1.30 9.31 3.10
C LEU A 65 -2.16 10.59 3.16
N ASN A 66 -2.31 11.16 4.35
CA ASN A 66 -3.12 12.38 4.55
C ASN A 66 -2.62 13.55 3.71
N THR A 67 -3.48 14.01 2.78
CA THR A 67 -3.13 15.08 1.85
C THR A 67 -3.48 16.47 2.37
N VAL A 68 -3.55 16.58 3.70
CA VAL A 68 -3.88 17.85 4.36
C VAL A 68 -2.69 18.83 4.27
N ALA A 69 -3.01 20.11 4.19
CA ALA A 69 -1.99 21.16 4.13
C ALA A 69 -1.65 21.69 5.51
N HIS A 70 -0.46 22.28 5.63
CA HIS A 70 -0.02 22.90 6.87
C HIS A 70 -0.15 24.42 6.74
N ASN A 71 -0.96 25.03 7.60
CA ASN A 71 -1.15 26.47 7.59
C ASN A 71 0.02 27.25 8.21
N ALA A 72 -0.09 28.58 8.21
CA ALA A 72 0.96 29.48 8.69
C ALA A 72 1.39 29.25 10.14
N VAL A 73 0.44 28.95 11.02
CA VAL A 73 0.77 28.71 12.43
C VAL A 73 1.56 27.42 12.62
N THR A 74 1.27 26.43 11.77
CA THR A 74 1.98 25.15 11.79
C THR A 74 3.42 25.31 11.27
N VAL A 75 3.59 26.02 10.15
CA VAL A 75 4.92 26.26 9.61
C VAL A 75 5.77 27.11 10.57
N GLN A 76 5.10 28.00 11.32
CA GLN A 76 5.74 28.78 12.37
C GLN A 76 6.34 27.86 13.43
N ARG A 77 5.57 26.85 13.84
CA ARG A 77 6.05 25.84 14.78
C ARG A 77 7.18 25.01 14.16
N GLU A 78 7.06 24.71 12.86
CA GLU A 78 8.10 24.01 12.11
C GLU A 78 9.41 24.78 12.05
N VAL A 79 9.33 26.10 11.87
CA VAL A 79 10.50 26.97 11.85
C VAL A 79 11.19 26.97 13.23
N ALA A 80 10.37 27.06 14.28
CA ALA A 80 10.87 27.01 15.66
C ALA A 80 11.52 25.67 16.01
N LEU A 81 11.08 24.61 15.33
CA LEU A 81 11.64 23.28 15.52
C LEU A 81 12.77 22.98 14.53
N ASP A 82 13.22 24.01 13.81
CA ASP A 82 14.27 23.89 12.79
C ASP A 82 14.03 22.73 11.82
N VAL A 83 12.82 22.69 11.28
CA VAL A 83 12.40 21.60 10.41
C VAL A 83 11.71 22.15 9.15
N ASN A 84 12.04 23.41 8.84
CA ASN A 84 11.50 24.13 7.68
C ASN A 84 12.26 23.77 6.41
N GLU A 85 12.13 22.50 6.01
CA GLU A 85 12.83 21.96 4.83
C GLU A 85 12.36 22.60 3.53
N TRP A 86 11.05 22.82 3.43
CA TRP A 86 10.46 23.39 2.22
C TRP A 86 9.80 24.74 2.51
N PRO A 87 10.50 25.84 2.20
CA PRO A 87 10.00 27.20 2.45
C PRO A 87 8.64 27.45 1.81
N SER A 88 7.80 28.22 2.51
CA SER A 88 6.44 28.53 2.08
C SER A 88 6.35 29.28 0.75
N GLU A 89 7.41 30.01 0.41
CA GLU A 89 7.42 30.87 -0.79
C GLU A 89 7.52 30.08 -2.07
N GLU A 90 8.38 29.06 -2.08
CA GLU A 90 8.63 28.28 -3.29
C GLU A 90 7.68 27.10 -3.44
N PHE A 91 7.21 26.55 -2.31
CA PHE A 91 6.44 25.31 -2.33
C PHE A 91 5.01 25.45 -1.78
N GLY A 92 4.72 26.59 -1.14
CA GLY A 92 3.41 26.81 -0.54
C GLY A 92 2.42 27.55 -1.42
N TYR A 93 1.24 27.81 -0.87
CA TYR A 93 0.19 28.57 -1.58
C TYR A 93 -0.29 29.76 -0.76
N PHE A 94 -0.98 30.70 -1.40
CA PHE A 94 -1.13 32.05 -0.87
C PHE A 94 -2.56 32.52 -0.64
N GLY A 95 -3.53 31.70 -1.05
CA GLY A 95 -4.94 32.02 -0.83
C GLY A 95 -5.87 30.86 -1.16
N HIS A 96 -7.17 31.14 -1.10
CA HIS A 96 -8.18 30.17 -1.51
C HIS A 96 -9.07 30.75 -2.61
N TYR A 97 -9.21 30.02 -3.70
CA TYR A 97 -10.28 30.27 -4.65
C TYR A 97 -11.50 29.50 -4.18
N TYR A 98 -12.68 30.11 -4.34
CA TYR A 98 -13.92 29.46 -3.96
C TYR A 98 -14.85 29.36 -5.16
N TYR A 99 -15.32 28.14 -5.42
CA TYR A 99 -16.33 27.92 -6.44
C TYR A 99 -17.57 27.28 -5.84
N VAL A 100 -18.72 27.87 -6.11
CA VAL A 100 -19.99 27.28 -5.71
C VAL A 100 -20.85 27.09 -6.94
N GLY A 101 -21.18 25.83 -7.24
CA GLY A 101 -21.92 25.46 -8.44
C GLY A 101 -23.36 25.89 -8.45
N GLY A 102 -24.01 25.69 -9.60
CA GLY A 102 -25.40 26.12 -9.80
C GLY A 102 -25.55 26.88 -11.10
N PRO A 103 -26.82 27.17 -11.49
CA PRO A 103 -27.11 27.88 -12.74
C PRO A 103 -26.35 29.20 -12.86
N GLN A 104 -26.24 29.93 -11.76
CA GLN A 104 -25.33 31.06 -11.65
C GLN A 104 -24.30 30.72 -10.57
N PRO A 105 -23.07 30.35 -10.99
CA PRO A 105 -22.04 29.97 -10.02
C PRO A 105 -21.44 31.18 -9.32
N MET A 106 -20.89 30.96 -8.12
CA MET A 106 -20.10 31.98 -7.44
C MET A 106 -18.63 31.66 -7.62
N ARG A 107 -17.86 32.64 -8.10
CA ARG A 107 -16.40 32.53 -8.15
C ARG A 107 -15.80 33.72 -7.42
N PHE A 108 -15.08 33.43 -6.34
CA PHE A 108 -14.43 34.47 -5.54
C PHE A 108 -13.15 33.97 -4.88
N TYR A 109 -12.40 34.90 -4.28
CA TYR A 109 -11.07 34.62 -3.77
C TYR A 109 -10.82 35.29 -2.43
N GLY A 110 -10.07 34.60 -1.57
CA GLY A 110 -9.62 35.16 -0.30
C GLY A 110 -8.14 34.91 -0.07
N ASP A 111 -7.44 35.94 0.40
CA ASP A 111 -6.01 35.84 0.72
C ASP A 111 -5.75 35.18 2.07
N LEU A 112 -4.62 34.48 2.16
CA LEU A 112 -4.06 34.09 3.45
C LEU A 112 -3.02 35.15 3.82
N LYS A 113 -3.01 35.57 5.08
CA LYS A 113 -2.04 36.57 5.55
C LYS A 113 -0.60 36.08 5.42
N ALA A 114 -0.39 34.82 5.79
CA ALA A 114 0.89 34.14 5.59
C ALA A 114 0.63 32.82 4.87
N PRO A 115 1.58 32.37 4.03
CA PRO A 115 1.31 31.21 3.19
C PRO A 115 1.11 29.90 3.96
N SER A 116 0.28 29.03 3.38
CA SER A 116 0.17 27.65 3.83
C SER A 116 0.99 26.78 2.88
N ARG A 117 1.20 25.52 3.26
CA ARG A 117 2.04 24.63 2.47
C ARG A 117 1.59 23.18 2.57
N ALA A 118 1.50 22.52 1.43
CA ALA A 118 1.23 21.09 1.38
C ALA A 118 2.38 20.32 0.71
N VAL A 119 2.99 19.42 1.47
CA VAL A 119 4.04 18.53 0.95
C VAL A 119 3.61 17.10 1.20
N ASP A 120 3.67 16.27 0.15
CA ASP A 120 3.42 14.83 0.25
C ASP A 120 4.05 14.29 1.53
N TYR A 121 3.21 13.67 2.37
CA TYR A 121 3.65 13.11 3.65
C TYR A 121 4.69 11.99 3.51
N ARG A 122 4.75 11.39 2.33
CA ARG A 122 5.74 10.35 2.05
C ARG A 122 7.13 10.95 1.83
N LEU A 123 7.18 12.27 1.74
CA LEU A 123 8.43 13.04 1.72
C LEU A 123 8.59 13.81 3.03
N TYR A 124 7.48 14.31 3.55
CA TYR A 124 7.49 15.19 4.72
C TYR A 124 7.75 14.44 6.04
N GLN A 125 7.09 13.31 6.23
CA GLN A 125 7.24 12.53 7.48
C GLN A 125 8.66 11.98 7.70
N PRO A 126 9.27 11.35 6.67
CA PRO A 126 10.66 10.91 6.85
C PRO A 126 11.64 12.05 7.16
N MET A 127 11.39 13.23 6.60
CA MET A 127 12.18 14.42 6.90
C MET A 127 12.13 14.77 8.40
N LEU A 128 10.93 14.71 8.98
CA LEU A 128 10.75 14.90 10.41
C LEU A 128 11.47 13.83 11.23
N MET A 129 11.36 12.58 10.76
CA MET A 129 11.97 11.43 11.45
C MET A 129 13.49 11.52 11.49
N ARG A 130 14.08 11.89 10.35
CA ARG A 130 15.52 12.05 10.24
C ARG A 130 16.04 13.19 11.11
N ALA A 131 15.25 14.26 11.20
CA ALA A 131 15.58 15.41 12.05
C ALA A 131 15.54 15.03 13.53
N LEU A 132 14.49 14.32 13.93
CA LEU A 132 14.34 13.86 15.31
C LEU A 132 15.42 12.84 15.70
N GLU A 133 15.73 11.94 14.78
CA GLU A 133 16.79 10.95 14.96
C GLU A 133 18.14 11.64 15.19
N ALA A 134 18.45 12.61 14.33
CA ALA A 134 19.70 13.36 14.41
C ALA A 134 19.80 14.24 15.66
N ARG A 135 18.67 14.47 16.31
CA ARG A 135 18.63 15.28 17.53
C ARG A 135 18.49 14.47 18.82
N GLY A 136 18.78 13.17 18.74
CA GLY A 136 18.80 12.31 19.93
C GLY A 136 17.50 11.58 20.23
N GLY A 137 16.47 11.87 19.44
CA GLY A 137 15.20 11.16 19.55
C GLY A 137 15.37 9.71 19.14
N LYS A 138 14.85 8.80 19.96
CA LYS A 138 14.99 7.37 19.73
C LYS A 138 13.75 6.76 19.10
N PHE A 139 13.97 5.80 18.20
CA PHE A 139 12.88 5.10 17.55
C PHE A 139 12.90 3.62 17.87
N CYS A 140 11.76 3.12 18.34
CA CYS A 140 11.53 1.68 18.45
C CYS A 140 10.53 1.31 17.35
N TYR A 141 11.03 0.63 16.33
CA TYR A 141 10.20 0.27 15.17
C TYR A 141 9.37 -0.98 15.44
N ASP A 142 8.17 -0.76 15.98
CA ASP A 142 7.30 -1.83 16.44
C ASP A 142 5.84 -1.37 16.42
N ALA A 143 4.94 -2.32 16.22
CA ALA A 143 3.50 -2.07 16.33
C ALA A 143 3.04 -2.28 17.77
N VAL A 144 2.30 -1.32 18.31
CA VAL A 144 1.89 -1.36 19.72
C VAL A 144 0.41 -1.74 19.86
N SER A 145 0.16 -2.82 20.60
CA SER A 145 -1.20 -3.25 20.88
C SER A 145 -1.69 -2.64 22.19
N ALA A 146 -3.02 -2.63 22.37
CA ALA A 146 -3.64 -2.09 23.59
C ALA A 146 -3.12 -2.76 24.86
N GLU A 147 -2.81 -4.05 24.76
CA GLU A 147 -2.28 -4.84 25.87
C GLU A 147 -0.90 -4.37 26.33
N ASP A 148 -0.14 -3.78 25.41
CA ASP A 148 1.23 -3.32 25.69
C ASP A 148 1.28 -2.01 26.49
N LEU A 149 0.18 -1.25 26.49
CA LEU A 149 0.15 0.10 27.07
C LEU A 149 0.50 0.17 28.54
N GLU A 150 0.01 -0.80 29.33
CA GLU A 150 0.27 -0.85 30.76
C GLU A 150 1.77 -1.04 31.04
N GLY A 151 2.40 -1.94 30.29
CA GLY A 151 3.83 -2.18 30.40
C GLY A 151 4.68 -0.98 30.00
N LEU A 152 4.26 -0.31 28.93
CA LEU A 152 4.96 0.87 28.44
C LEU A 152 4.85 2.06 29.39
N SER A 153 3.69 2.20 30.05
CA SER A 153 3.45 3.28 31.00
C SER A 153 4.35 3.19 32.23
N GLU A 154 4.78 1.97 32.55
CA GLU A 154 5.69 1.74 33.68
C GLU A 154 7.15 1.92 33.28
N GLN A 155 7.40 2.10 31.99
CA GLN A 155 8.74 2.30 31.46
C GLN A 155 9.10 3.78 31.29
N TYR A 156 8.10 4.65 31.28
CA TYR A 156 8.31 6.08 31.09
C TYR A 156 7.58 6.91 32.14
N ASP A 157 8.02 8.15 32.30
CA ASP A 157 7.37 9.10 33.20
C ASP A 157 5.96 9.43 32.69
N LEU A 158 5.84 9.54 31.37
CA LEU A 158 4.55 9.75 30.71
C LEU A 158 4.50 9.01 29.38
N LEU A 159 3.38 8.34 29.13
CA LEU A 159 3.12 7.72 27.84
C LEU A 159 2.03 8.49 27.09
N VAL A 160 2.34 8.86 25.86
CA VAL A 160 1.39 9.57 25.00
C VAL A 160 1.11 8.76 23.73
N VAL A 161 -0.17 8.61 23.42
CA VAL A 161 -0.60 7.90 22.22
C VAL A 161 -1.17 8.91 21.23
N CYS A 162 -0.79 8.78 19.96
CA CYS A 162 -1.27 9.69 18.92
C CYS A 162 -1.65 9.01 17.60
N THR A 163 -1.42 7.70 17.52
CA THR A 163 -1.82 6.93 16.34
C THR A 163 -3.23 6.36 16.47
N GLY A 164 -3.99 6.43 15.39
CA GLY A 164 -5.35 5.88 15.35
C GLY A 164 -5.38 4.42 14.94
N LYS A 165 -4.22 3.81 14.84
CA LYS A 165 -4.10 2.40 14.45
C LYS A 165 -4.15 1.47 15.65
N TYR A 166 -4.32 0.18 15.38
CA TYR A 166 -4.30 -0.89 16.39
C TYR A 166 -5.44 -0.81 17.41
N ALA A 167 -6.55 -0.16 17.01
CA ALA A 167 -7.72 0.05 17.86
C ALA A 167 -7.43 0.74 19.20
N LEU A 168 -6.35 1.52 19.23
CA LEU A 168 -5.92 2.20 20.46
C LEU A 168 -6.87 3.32 20.87
N GLY A 169 -7.73 3.75 19.93
CA GLY A 169 -8.75 4.75 20.21
C GLY A 169 -9.79 4.28 21.20
N LYS A 170 -10.01 2.96 21.25
CA LYS A 170 -10.99 2.35 22.15
C LYS A 170 -10.64 2.51 23.63
N VAL A 171 -9.36 2.79 23.91
CA VAL A 171 -8.89 3.05 25.27
C VAL A 171 -9.36 4.44 25.74
N PHE A 172 -9.49 5.36 24.79
CA PHE A 172 -9.93 6.73 25.08
C PHE A 172 -11.43 6.87 24.81
N GLU A 173 -12.19 7.06 25.89
CA GLU A 173 -13.65 7.11 25.82
C GLU A 173 -14.18 8.18 24.85
N LYS A 174 -15.05 7.74 23.95
CA LYS A 174 -15.69 8.62 22.97
C LYS A 174 -16.64 9.59 23.66
N GLN A 175 -16.55 10.86 23.30
CA GLN A 175 -17.45 11.88 23.83
C GLN A 175 -18.63 12.04 22.86
N SER A 176 -19.77 11.50 23.26
CA SER A 176 -20.97 11.48 22.42
C SER A 176 -21.51 12.88 22.10
N GLU A 177 -21.39 13.79 23.07
CA GLU A 177 -21.87 15.16 22.93
C GLU A 177 -21.05 15.97 21.91
N ASN A 178 -19.86 15.48 21.58
CA ASN A 178 -19.00 16.11 20.58
C ASN A 178 -18.82 15.25 19.34
N SER A 179 -19.51 14.11 19.30
CA SER A 179 -19.45 13.19 18.17
C SER A 179 -20.86 12.89 17.62
N PRO A 180 -21.38 13.81 16.77
CA PRO A 180 -22.75 13.65 16.26
C PRO A 180 -22.89 12.57 15.19
N PHE A 181 -21.79 12.19 14.53
CA PHE A 181 -21.84 11.22 13.45
C PHE A 181 -21.23 9.88 13.87
N GLU A 182 -21.82 8.78 13.37
CA GLU A 182 -21.29 7.44 13.63
C GLU A 182 -20.92 6.68 12.35
N LYS A 183 -21.17 7.29 11.19
CA LYS A 183 -20.70 6.75 9.91
C LYS A 183 -20.09 7.88 9.05
N PRO A 184 -19.31 7.52 8.01
CA PRO A 184 -18.73 8.57 7.17
C PRO A 184 -19.79 9.46 6.51
N GLN A 185 -19.59 10.77 6.58
CA GLN A 185 -20.55 11.73 6.02
C GLN A 185 -20.29 11.95 4.53
N ARG A 186 -19.16 11.46 4.05
CA ARG A 186 -18.77 11.64 2.67
C ARG A 186 -18.02 10.45 2.13
N ALA A 187 -18.30 10.09 0.88
CA ALA A 187 -17.54 9.07 0.16
C ALA A 187 -16.32 9.72 -0.49
N LEU A 188 -15.15 9.35 -0.01
CA LEU A 188 -13.90 10.03 -0.39
C LEU A 188 -13.18 9.42 -1.57
N CYS A 189 -12.70 10.29 -2.46
CA CYS A 189 -11.73 9.92 -3.49
C CYS A 189 -10.66 10.99 -3.50
N VAL A 190 -9.47 10.62 -3.02
CA VAL A 190 -8.35 11.56 -2.93
C VAL A 190 -7.11 11.03 -3.65
N GLY A 191 -6.50 11.89 -4.45
CA GLY A 191 -5.34 11.52 -5.23
C GLY A 191 -4.43 12.69 -5.60
N LEU A 192 -3.18 12.38 -5.91
CA LEU A 192 -2.23 13.36 -6.43
C LEU A 192 -2.19 13.24 -7.95
N PHE A 193 -2.37 14.36 -8.62
CA PHE A 193 -2.48 14.37 -10.08
C PHE A 193 -1.50 15.32 -10.75
N LYS A 194 -1.03 14.90 -11.93
CA LYS A 194 -0.26 15.76 -12.82
C LYS A 194 -1.19 16.23 -13.96
N GLY A 195 -0.75 17.27 -14.67
CA GLY A 195 -1.50 17.78 -15.82
C GLY A 195 -2.56 18.82 -15.49
N ILE A 196 -2.57 19.30 -14.25
CA ILE A 196 -3.48 20.36 -13.84
C ILE A 196 -2.72 21.68 -13.71
N LYS A 197 -3.04 22.63 -14.58
CA LYS A 197 -2.41 23.95 -14.59
C LYS A 197 -2.80 24.74 -13.33
N GLU A 198 -1.85 25.52 -12.83
CA GLU A 198 -2.08 26.39 -11.69
C GLU A 198 -2.98 27.57 -12.07
N ALA A 199 -3.79 28.03 -11.11
CA ALA A 199 -4.56 29.26 -11.25
C ALA A 199 -3.63 30.47 -11.30
N PRO A 200 -4.14 31.66 -11.69
CA PRO A 200 -3.30 32.86 -11.72
C PRO A 200 -2.44 33.04 -10.45
N ILE A 201 -3.04 32.78 -9.30
CA ILE A 201 -2.32 32.75 -8.02
C ILE A 201 -2.24 31.30 -7.53
N ARG A 202 -1.03 30.88 -7.12
CA ARG A 202 -0.82 29.58 -6.49
C ARG A 202 -1.69 29.51 -5.24
N ALA A 203 -2.73 28.68 -5.30
CA ALA A 203 -3.77 28.69 -4.28
C ALA A 203 -4.57 27.39 -4.25
N VAL A 204 -5.18 27.13 -3.09
CA VAL A 204 -6.17 26.07 -2.96
C VAL A 204 -7.47 26.53 -3.61
N THR A 205 -8.16 25.61 -4.27
CA THR A 205 -9.52 25.87 -4.74
C THR A 205 -10.49 24.97 -3.98
N MET A 206 -11.50 25.60 -3.39
CA MET A 206 -12.58 24.88 -2.74
C MET A 206 -13.84 24.99 -3.59
N SER A 207 -14.19 23.88 -4.20
CA SER A 207 -15.31 23.82 -5.13
C SER A 207 -16.46 23.02 -4.54
N PHE A 208 -17.66 23.58 -4.61
CA PHE A 208 -18.84 22.94 -4.06
C PHE A 208 -19.92 22.76 -5.13
N SER A 209 -20.30 21.51 -5.36
CA SER A 209 -21.41 21.18 -6.23
C SER A 209 -22.63 20.86 -5.35
N PRO A 210 -23.63 21.78 -5.34
CA PRO A 210 -24.80 21.69 -4.46
C PRO A 210 -25.52 20.34 -4.53
N GLY A 211 -25.52 19.62 -3.41
CA GLY A 211 -26.19 18.32 -3.31
C GLY A 211 -25.44 17.16 -3.94
N HIS A 212 -24.19 17.39 -4.33
CA HIS A 212 -23.40 16.33 -4.97
C HIS A 212 -22.02 16.09 -4.38
N GLY A 213 -21.30 17.17 -4.05
CA GLY A 213 -19.97 17.01 -3.47
C GLY A 213 -19.09 18.25 -3.38
N GLU A 214 -18.05 18.13 -2.56
CA GLU A 214 -17.04 19.18 -2.43
C GLU A 214 -15.72 18.71 -3.02
N LEU A 215 -14.98 19.65 -3.59
CA LEU A 215 -13.64 19.39 -4.09
C LEU A 215 -12.67 20.37 -3.45
N ILE A 216 -11.59 19.84 -2.88
CA ILE A 216 -10.50 20.69 -2.41
C ILE A 216 -9.27 20.39 -3.26
N GLU A 217 -8.90 21.36 -4.11
CA GLU A 217 -7.72 21.26 -4.95
C GLU A 217 -6.55 21.93 -4.24
N ILE A 218 -5.50 21.16 -3.98
CA ILE A 218 -4.34 21.63 -3.22
C ILE A 218 -3.06 21.57 -4.06
N PRO A 219 -2.34 22.69 -4.16
CA PRO A 219 -0.98 22.64 -4.72
C PRO A 219 -0.06 21.90 -3.75
N THR A 220 0.53 20.81 -4.20
CA THR A 220 1.30 19.94 -3.31
C THR A 220 2.64 19.51 -3.93
N LEU A 221 3.70 19.62 -3.13
CA LEU A 221 4.98 19.10 -3.54
C LEU A 221 5.01 17.58 -3.35
N SER A 222 5.32 16.87 -4.43
CA SER A 222 5.45 15.41 -4.40
C SER A 222 6.76 15.00 -5.07
N PHE A 223 6.93 13.70 -5.30
CA PHE A 223 8.19 13.13 -5.81
C PHE A 223 8.74 13.81 -7.06
N ASN A 224 7.85 14.08 -8.01
CA ASN A 224 8.24 14.69 -9.29
C ASN A 224 8.15 16.21 -9.30
N GLY A 225 8.08 16.81 -8.11
CA GLY A 225 7.94 18.26 -7.98
C GLY A 225 6.50 18.64 -7.64
N MET A 226 6.11 19.85 -8.02
CA MET A 226 4.77 20.35 -7.72
C MET A 226 3.68 19.59 -8.48
N SER A 227 2.73 19.07 -7.72
CA SER A 227 1.57 18.39 -8.27
C SER A 227 0.31 18.97 -7.64
N THR A 228 -0.85 18.42 -7.98
CA THR A 228 -2.11 18.93 -7.45
C THR A 228 -2.92 17.81 -6.83
N ALA A 229 -3.24 17.97 -5.54
CA ALA A 229 -4.11 17.04 -4.85
C ALA A 229 -5.57 17.36 -5.15
N LEU A 230 -6.35 16.32 -5.43
CA LEU A 230 -7.79 16.49 -5.55
C LEU A 230 -8.48 15.70 -4.45
N VAL A 231 -9.01 16.43 -3.46
CA VAL A 231 -9.74 15.83 -2.37
C VAL A 231 -11.23 15.89 -2.71
N LEU A 232 -11.74 14.80 -3.27
CA LEU A 232 -13.15 14.72 -3.67
C LEU A 232 -14.01 14.17 -2.53
N GLU A 233 -14.78 15.06 -1.93
CA GLU A 233 -15.68 14.70 -0.86
C GLU A 233 -17.10 14.59 -1.42
N ASN A 234 -17.46 13.38 -1.83
CA ASN A 234 -18.68 13.13 -2.57
C ASN A 234 -19.86 12.74 -1.68
N HIS A 235 -21.00 13.38 -1.92
CA HIS A 235 -22.22 13.10 -1.17
C HIS A 235 -22.73 11.70 -1.46
N ILE A 236 -23.23 11.03 -0.42
CA ILE A 236 -23.76 9.68 -0.54
C ILE A 236 -25.10 9.71 -1.29
N GLY A 237 -25.17 8.96 -2.38
CA GLY A 237 -26.39 8.89 -3.20
C GLY A 237 -26.42 9.92 -4.32
N SER A 238 -25.27 10.54 -4.59
CA SER A 238 -25.17 11.62 -5.58
C SER A 238 -24.60 11.14 -6.92
N ASP A 239 -24.38 12.10 -7.83
CA ASP A 239 -23.78 11.83 -9.13
C ASP A 239 -22.26 11.71 -9.04
N LEU A 240 -21.72 11.87 -7.83
CA LEU A 240 -20.27 11.86 -7.62
C LEU A 240 -19.75 10.70 -6.76
N GLU A 241 -20.67 9.98 -6.10
CA GLU A 241 -20.31 8.88 -5.20
C GLU A 241 -19.53 7.77 -5.91
N VAL A 242 -19.81 7.59 -7.21
CA VAL A 242 -19.17 6.56 -8.03
C VAL A 242 -17.64 6.70 -8.12
N LEU A 243 -17.15 7.93 -7.96
CA LEU A 243 -15.71 8.22 -7.99
C LEU A 243 -14.95 7.60 -6.82
N ALA A 244 -15.68 7.32 -5.74
CA ALA A 244 -15.10 6.68 -4.56
C ALA A 244 -15.12 5.15 -4.65
N HIS A 245 -15.77 4.61 -5.68
CA HIS A 245 -15.95 3.16 -5.81
C HIS A 245 -15.32 2.52 -7.04
N THR A 246 -15.13 3.31 -8.10
CA THR A 246 -14.46 2.81 -9.32
C THR A 246 -12.95 2.81 -9.14
N LYS A 247 -12.33 1.65 -9.35
CA LYS A 247 -10.91 1.44 -9.10
C LYS A 247 -10.03 1.80 -10.30
N TYR A 248 -9.01 2.60 -10.04
CA TYR A 248 -8.04 3.02 -11.04
C TYR A 248 -7.32 1.84 -11.71
N ASP A 249 -6.98 0.83 -10.90
CA ASP A 249 -6.21 -0.34 -11.37
C ASP A 249 -6.98 -1.28 -12.30
N ASP A 250 -8.30 -1.24 -12.23
CA ASP A 250 -9.15 -2.06 -13.12
C ASP A 250 -9.09 -1.56 -14.56
N ASP A 251 -9.00 -0.24 -14.71
CA ASP A 251 -8.93 0.43 -16.01
C ASP A 251 -8.60 1.91 -15.79
N PRO A 252 -7.32 2.28 -15.93
CA PRO A 252 -6.87 3.67 -15.72
C PRO A 252 -7.58 4.67 -16.64
N ARG A 253 -7.70 4.33 -17.93
CA ARG A 253 -8.35 5.18 -18.92
C ARG A 253 -9.81 5.46 -18.57
N ALA A 254 -10.54 4.42 -18.17
CA ALA A 254 -11.95 4.54 -17.79
C ALA A 254 -12.12 5.40 -16.55
N PHE A 255 -11.21 5.25 -15.57
CA PHE A 255 -11.24 6.04 -14.35
C PHE A 255 -10.99 7.52 -14.65
N LEU A 256 -9.98 7.81 -15.47
CA LEU A 256 -9.60 9.18 -15.79
C LEU A 256 -10.64 9.89 -16.66
N ASP A 257 -11.24 9.15 -17.60
CA ASP A 257 -12.34 9.68 -18.42
C ASP A 257 -13.56 10.01 -17.57
N LEU A 258 -13.87 9.13 -16.63
CA LEU A 258 -14.96 9.34 -15.67
C LEU A 258 -14.67 10.57 -14.81
N MET A 259 -13.43 10.67 -14.33
CA MET A 259 -12.99 11.83 -13.55
C MET A 259 -13.13 13.14 -14.32
N LEU A 260 -12.67 13.14 -15.57
CA LEU A 260 -12.78 14.30 -16.46
C LEU A 260 -14.23 14.69 -16.73
N GLU A 261 -15.10 13.68 -16.82
CA GLU A 261 -16.53 13.89 -17.04
C GLU A 261 -17.18 14.52 -15.80
N LYS A 262 -16.89 13.94 -14.63
CA LYS A 262 -17.48 14.37 -13.37
C LYS A 262 -16.97 15.75 -12.94
N LEU A 263 -15.68 16.01 -13.14
CA LEU A 263 -15.09 17.31 -12.81
C LEU A 263 -15.58 18.40 -13.76
N GLY A 264 -15.71 18.07 -15.04
CA GLY A 264 -16.26 18.99 -16.04
C GLY A 264 -17.66 19.45 -15.70
N LYS A 265 -18.46 18.52 -15.19
CA LYS A 265 -19.84 18.79 -14.79
C LYS A 265 -19.91 19.54 -13.44
N HIS A 266 -19.30 18.96 -12.42
CA HIS A 266 -19.50 19.42 -11.03
C HIS A 266 -18.51 20.47 -10.53
N HIS A 267 -17.27 20.41 -11.01
CA HIS A 267 -16.25 21.36 -10.57
C HIS A 267 -15.48 21.96 -11.76
N PRO A 268 -16.16 22.78 -12.59
CA PRO A 268 -15.58 23.25 -13.85
C PRO A 268 -14.38 24.21 -13.72
N SER A 269 -14.32 24.97 -12.63
CA SER A 269 -13.21 25.91 -12.43
C SER A 269 -11.85 25.22 -12.27
N VAL A 270 -11.88 23.99 -11.75
CA VAL A 270 -10.68 23.17 -11.68
C VAL A 270 -10.49 22.41 -13.00
N ALA A 271 -11.60 21.90 -13.54
CA ALA A 271 -11.59 21.11 -14.77
C ALA A 271 -11.08 21.88 -15.99
N GLU A 272 -11.35 23.18 -16.03
CA GLU A 272 -10.89 24.07 -17.10
C GLU A 272 -9.37 24.17 -17.19
N ARG A 273 -8.69 23.91 -16.08
CA ARG A 273 -7.23 23.99 -16.01
C ARG A 273 -6.54 22.64 -16.22
N ILE A 274 -7.32 21.61 -16.52
CA ILE A 274 -6.80 20.26 -16.73
C ILE A 274 -6.44 20.00 -18.19
N ASP A 275 -5.23 19.52 -18.42
CA ASP A 275 -4.80 19.05 -19.73
C ASP A 275 -5.11 17.55 -19.81
N PRO A 276 -6.15 17.18 -20.61
CA PRO A 276 -6.63 15.78 -20.67
C PRO A 276 -5.59 14.79 -21.22
N ALA A 277 -4.64 15.29 -22.01
CA ALA A 277 -3.57 14.46 -22.56
C ALA A 277 -2.56 14.03 -21.50
N GLU A 278 -2.33 14.91 -20.52
CA GLU A 278 -1.36 14.66 -19.46
C GLU A 278 -2.01 14.18 -18.16
N PHE A 279 -3.31 14.44 -18.01
CA PHE A 279 -4.04 14.15 -16.77
C PHE A 279 -3.97 12.68 -16.36
N ASP A 280 -3.24 12.44 -15.27
CA ASP A 280 -3.04 11.11 -14.71
C ASP A 280 -2.62 11.30 -13.25
N LEU A 281 -2.46 10.19 -12.53
CA LEU A 281 -1.86 10.24 -11.20
C LEU A 281 -0.41 10.71 -11.32
N ALA A 282 0.03 11.47 -10.31
CA ALA A 282 1.30 12.20 -10.38
C ALA A 282 2.55 11.33 -10.57
N ASN A 283 2.61 10.20 -9.87
CA ASN A 283 3.78 9.33 -9.91
C ASN A 283 3.45 7.88 -10.25
N SER A 284 2.47 7.30 -9.54
CA SER A 284 2.09 5.90 -9.72
C SER A 284 0.67 5.63 -9.24
N SER A 285 0.23 4.38 -9.40
CA SER A 285 -1.09 3.92 -8.97
C SER A 285 -1.30 3.98 -7.46
N LEU A 286 -0.21 4.19 -6.72
CA LEU A 286 -0.28 4.30 -5.26
C LEU A 286 -0.65 5.70 -4.79
N ASP A 287 -0.80 6.63 -5.74
CA ASP A 287 -1.16 8.01 -5.43
C ASP A 287 -2.66 8.24 -5.35
N ILE A 288 -3.40 7.22 -4.92
CA ILE A 288 -4.86 7.32 -4.78
C ILE A 288 -5.38 6.59 -3.55
N LEU A 289 -6.29 7.24 -2.84
CA LEU A 289 -6.94 6.69 -1.65
C LEU A 289 -8.44 6.86 -1.80
N GLN A 290 -9.17 5.79 -1.57
CA GLN A 290 -10.64 5.82 -1.61
C GLN A 290 -11.22 5.22 -0.32
N GLY A 291 -12.32 5.80 0.15
CA GLY A 291 -13.00 5.30 1.34
C GLY A 291 -13.82 6.33 2.08
N GLY A 292 -13.67 6.36 3.39
CA GLY A 292 -14.44 7.26 4.25
C GLY A 292 -13.83 7.46 5.62
N VAL A 293 -14.18 8.59 6.23
CA VAL A 293 -13.69 8.94 7.56
C VAL A 293 -14.87 9.09 8.52
N VAL A 294 -14.81 8.40 9.65
CA VAL A 294 -15.82 8.53 10.69
C VAL A 294 -15.34 9.58 11.69
N PRO A 295 -16.00 10.75 11.73
CA PRO A 295 -15.61 11.81 12.65
C PRO A 295 -15.88 11.42 14.10
N ALA A 296 -14.94 11.74 14.97
CA ALA A 296 -15.02 11.38 16.39
C ALA A 296 -14.21 12.33 17.26
N PHE A 297 -14.71 12.57 18.47
CA PHE A 297 -14.00 13.36 19.46
C PHE A 297 -14.00 12.59 20.77
N ARG A 298 -12.80 12.33 21.29
CA ARG A 298 -12.61 11.46 22.44
C ARG A 298 -11.93 12.19 23.60
N ASP A 299 -11.96 11.59 24.78
CA ASP A 299 -11.22 12.08 25.94
C ASP A 299 -9.74 12.20 25.61
N GLY A 300 -9.11 13.25 26.13
CA GLY A 300 -7.67 13.48 25.92
C GLY A 300 -6.79 12.71 26.88
N HIS A 301 -7.40 11.91 27.76
CA HIS A 301 -6.67 11.10 28.72
C HIS A 301 -7.36 9.76 28.98
N ALA A 302 -6.60 8.81 29.52
CA ALA A 302 -7.14 7.52 29.94
C ALA A 302 -6.37 7.01 31.14
N THR A 303 -7.09 6.37 32.07
CA THR A 303 -6.48 5.76 33.23
C THR A 303 -6.44 4.25 33.03
N LEU A 304 -5.23 3.68 33.08
CA LEU A 304 -5.05 2.24 32.90
C LEU A 304 -5.25 1.50 34.22
N ASN A 305 -5.27 0.17 34.15
CA ASN A 305 -5.50 -0.67 35.34
C ASN A 305 -4.46 -0.54 36.44
N ASN A 306 -3.25 -0.10 36.07
CA ASN A 306 -2.18 0.12 37.05
C ASN A 306 -2.28 1.50 37.74
N GLY A 307 -3.29 2.27 37.37
CA GLY A 307 -3.54 3.57 37.97
C GLY A 307 -2.83 4.74 37.30
N LYS A 308 -2.04 4.44 36.28
CA LYS A 308 -1.29 5.48 35.57
C LYS A 308 -2.10 6.14 34.46
N THR A 309 -1.91 7.46 34.32
CA THR A 309 -2.60 8.24 33.31
C THR A 309 -1.79 8.28 32.02
N ILE A 310 -2.46 8.03 30.90
CA ILE A 310 -1.86 8.21 29.58
C ILE A 310 -2.59 9.31 28.81
N ILE A 311 -1.87 10.01 27.95
CA ILE A 311 -2.41 11.16 27.24
C ILE A 311 -2.66 10.86 25.77
N GLY A 312 -3.84 11.26 25.29
CA GLY A 312 -4.20 11.14 23.87
C GLY A 312 -3.86 12.42 23.13
N LEU A 313 -3.42 12.25 21.88
CA LEU A 313 -2.92 13.37 21.07
C LEU A 313 -3.29 13.16 19.61
N GLY A 314 -3.59 14.26 18.92
CA GLY A 314 -3.84 14.25 17.48
C GLY A 314 -5.08 13.48 17.07
N ASP A 315 -4.90 12.53 16.16
CA ASP A 315 -6.00 11.78 15.54
C ASP A 315 -6.77 10.92 16.55
N ILE A 316 -6.08 10.45 17.58
CA ILE A 316 -6.69 9.55 18.56
C ILE A 316 -7.68 10.26 19.50
N GLN A 317 -7.50 11.56 19.70
CA GLN A 317 -8.43 12.32 20.53
C GLN A 317 -9.48 13.04 19.68
N ALA A 318 -9.13 13.31 18.43
CA ALA A 318 -10.05 13.94 17.48
C ALA A 318 -9.78 13.49 16.05
N THR A 319 -10.69 12.69 15.51
CA THR A 319 -10.67 12.32 14.09
C THR A 319 -11.59 13.26 13.34
N VAL A 320 -11.02 14.02 12.40
CA VAL A 320 -11.77 15.03 11.67
C VAL A 320 -11.89 14.68 10.19
N ASP A 321 -13.02 15.04 9.59
CA ASP A 321 -13.22 14.93 8.16
C ASP A 321 -12.31 15.95 7.46
N PRO A 322 -11.67 15.54 6.35
CA PRO A 322 -10.65 16.37 5.68
C PRO A 322 -11.17 17.61 4.93
N VAL A 323 -12.48 17.82 4.90
CA VAL A 323 -13.09 18.89 4.09
C VAL A 323 -12.55 20.30 4.36
N LEU A 324 -12.21 20.57 5.62
CA LEU A 324 -11.66 21.87 6.00
C LEU A 324 -10.16 21.82 6.31
N GLY A 325 -9.57 20.63 6.16
CA GLY A 325 -8.13 20.43 6.34
C GLY A 325 -7.58 20.86 7.67
N GLN A 326 -8.24 20.44 8.75
CA GLN A 326 -7.86 20.85 10.11
C GLN A 326 -6.94 19.87 10.83
N GLY A 327 -7.00 18.59 10.43
CA GLY A 327 -6.32 17.50 11.12
C GLY A 327 -4.86 17.68 11.50
N ALA A 328 -4.04 17.98 10.50
CA ALA A 328 -2.59 18.15 10.70
C ALA A 328 -2.25 19.36 11.56
N ASN A 329 -2.96 20.46 11.33
CA ASN A 329 -2.78 21.69 12.10
C ASN A 329 -3.11 21.49 13.58
N MET A 330 -4.16 20.71 13.86
CA MET A 330 -4.56 20.40 15.22
C MET A 330 -3.57 19.46 15.89
N ALA A 331 -3.03 18.52 15.10
CA ALA A 331 -2.00 17.60 15.58
C ALA A 331 -0.75 18.37 16.02
N SER A 332 -0.30 19.28 15.15
CA SER A 332 0.85 20.14 15.43
C SER A 332 0.59 21.07 16.61
N TYR A 333 -0.61 21.67 16.65
CA TYR A 333 -0.99 22.59 17.73
C TYR A 333 -1.00 21.93 19.10
N ALA A 334 -1.61 20.76 19.20
CA ALA A 334 -1.73 20.04 20.47
C ALA A 334 -0.38 19.47 20.94
N ALA A 335 0.46 19.10 19.98
CA ALA A 335 1.81 18.61 20.29
C ALA A 335 2.64 19.68 20.99
N TRP A 336 2.53 20.92 20.50
CA TRP A 336 3.22 22.06 21.10
C TRP A 336 2.73 22.35 22.51
N ILE A 337 1.41 22.34 22.69
CA ILE A 337 0.79 22.60 24.00
C ILE A 337 1.19 21.51 25.01
N LEU A 338 1.05 20.25 24.60
CA LEU A 338 1.44 19.11 25.43
C LEU A 338 2.93 19.17 25.77
N GLY A 339 3.75 19.49 24.76
CA GLY A 339 5.19 19.67 24.96
C GLY A 339 5.50 20.67 26.06
N GLU A 340 4.83 21.82 26.02
CA GLU A 340 5.01 22.87 27.02
C GLU A 340 4.58 22.42 28.42
N GLU A 341 3.46 21.70 28.50
CA GLU A 341 2.93 21.24 29.78
C GLU A 341 3.76 20.14 30.42
N ILE A 342 4.41 19.31 29.58
CA ILE A 342 5.32 18.27 30.06
C ILE A 342 6.52 18.88 30.80
N LEU A 343 7.00 20.03 30.34
CA LEU A 343 8.10 20.74 30.99
C LEU A 343 7.64 21.42 32.28
N ALA A 344 6.39 21.86 32.31
CA ALA A 344 5.85 22.63 33.44
C ALA A 344 5.39 21.76 34.62
N HIS A 345 5.16 20.48 34.36
CA HIS A 345 4.71 19.54 35.38
C HIS A 345 5.69 18.40 35.62
N SER A 346 5.64 17.82 36.81
CA SER A 346 6.45 16.64 37.15
C SER A 346 5.57 15.44 37.52
N VAL A 347 4.31 15.72 37.83
CA VAL A 347 3.33 14.66 38.09
C VAL A 347 2.27 14.67 36.98
N TYR A 348 2.21 13.57 36.24
CA TYR A 348 1.31 13.48 35.09
C TYR A 348 0.06 12.67 35.40
N ASP A 349 -0.92 13.34 36.00
CA ASP A 349 -2.16 12.72 36.43
C ASP A 349 -3.38 13.47 35.88
N LEU A 350 -4.52 13.36 36.58
CA LEU A 350 -5.75 14.02 36.17
C LEU A 350 -5.65 15.54 36.22
N ARG A 351 -4.97 16.07 37.24
CA ARG A 351 -4.73 17.50 37.35
C ARG A 351 -3.87 18.03 36.19
N PHE A 352 -2.83 17.27 35.84
CA PHE A 352 -2.02 17.56 34.66
C PHE A 352 -2.88 17.58 33.40
N SER A 353 -3.76 16.59 33.28
CA SER A 353 -4.68 16.47 32.14
C SER A 353 -5.61 17.67 32.03
N GLU A 354 -6.05 18.20 33.18
CA GLU A 354 -6.90 19.38 33.23
C GLU A 354 -6.19 20.62 32.69
N HIS A 355 -4.94 20.80 33.10
CA HIS A 355 -4.09 21.90 32.60
C HIS A 355 -3.93 21.85 31.09
N LEU A 356 -3.74 20.64 30.57
CA LEU A 356 -3.58 20.42 29.14
C LEU A 356 -4.87 20.72 28.39
N GLU A 357 -5.97 20.12 28.84
CA GLU A 357 -7.28 20.29 28.20
C GLU A 357 -7.75 21.75 28.16
N ARG A 358 -7.56 22.49 29.25
CA ARG A 358 -7.99 23.89 29.28
C ARG A 358 -7.20 24.78 28.31
N ARG A 359 -5.99 24.35 27.94
CA ARG A 359 -5.18 25.09 26.98
C ARG A 359 -5.51 24.71 25.53
N ARG A 360 -5.62 23.41 25.27
CA ARG A 360 -5.73 22.91 23.89
C ARG A 360 -7.15 22.68 23.38
N GLN A 361 -8.10 22.44 24.29
CA GLN A 361 -9.43 21.97 23.89
C GLN A 361 -10.20 22.87 22.94
N ASP A 362 -10.34 24.15 23.28
CA ASP A 362 -11.18 25.06 22.50
C ASP A 362 -10.89 25.00 21.01
N ARG A 363 -9.62 25.16 20.63
CA ARG A 363 -9.22 25.14 19.22
C ARG A 363 -9.49 23.79 18.55
N VAL A 364 -9.08 22.70 19.21
CA VAL A 364 -9.24 21.36 18.68
C VAL A 364 -10.72 20.97 18.58
N LEU A 365 -11.50 21.31 19.62
CA LEU A 365 -12.94 21.05 19.62
C LEU A 365 -13.66 21.90 18.58
N CYS A 366 -13.28 23.18 18.49
CA CYS A 366 -13.89 24.09 17.52
C CYS A 366 -13.60 23.69 16.06
N ALA A 367 -12.44 23.07 15.83
CA ALA A 367 -12.12 22.51 14.53
C ALA A 367 -13.07 21.35 14.18
N THR A 368 -13.38 20.52 15.18
CA THR A 368 -14.36 19.44 15.03
C THR A 368 -15.77 20.00 14.80
N ARG A 369 -16.17 20.97 15.62
CA ARG A 369 -17.48 21.60 15.52
C ARG A 369 -17.70 22.30 14.19
N TRP A 370 -16.70 23.08 13.78
CA TRP A 370 -16.75 23.83 12.52
C TRP A 370 -16.80 22.91 11.31
N THR A 371 -16.01 21.84 11.33
CA THR A 371 -16.01 20.83 10.26
C THR A 371 -17.37 20.12 10.16
N ASN A 372 -17.89 19.69 11.32
CA ASN A 372 -19.18 19.01 11.37
C ASN A 372 -20.35 19.89 10.94
N PHE A 373 -20.34 21.14 11.42
CA PHE A 373 -21.32 22.14 11.01
C PHE A 373 -21.30 22.35 9.50
N THR A 374 -20.08 22.45 8.94
CA THR A 374 -19.91 22.67 7.50
C THR A 374 -20.42 21.48 6.69
N LEU A 375 -20.08 20.27 7.14
CA LEU A 375 -20.56 19.04 6.51
C LEU A 375 -22.09 18.98 6.43
N SER A 376 -22.75 19.28 7.54
CA SER A 376 -24.22 19.28 7.60
C SER A 376 -24.85 20.42 6.81
N ALA A 377 -24.23 21.60 6.88
CA ALA A 377 -24.74 22.79 6.22
C ALA A 377 -24.68 22.70 4.70
N LEU A 378 -23.63 22.04 4.18
CA LEU A 378 -23.46 21.89 2.74
C LEU A 378 -24.47 20.92 2.12
N SER A 379 -24.90 19.92 2.90
CA SER A 379 -25.87 18.95 2.41
C SER A 379 -27.32 19.40 2.60
N ALA A 380 -27.60 20.10 3.69
CA ALA A 380 -28.94 20.59 4.00
C ALA A 380 -29.22 21.98 3.44
N LEU A 381 -28.17 22.80 3.36
CA LEU A 381 -28.24 24.19 2.89
C LEU A 381 -29.33 25.03 3.58
N PRO A 382 -29.12 25.38 4.86
CA PRO A 382 -30.05 26.20 5.64
C PRO A 382 -30.08 27.65 5.13
N PRO A 383 -31.16 28.41 5.45
CA PRO A 383 -31.32 29.78 4.96
C PRO A 383 -30.18 30.73 5.37
N GLU A 384 -29.71 30.60 6.61
CA GLU A 384 -28.64 31.45 7.13
C GLU A 384 -27.25 31.12 6.57
N PHE A 385 -27.12 29.92 5.99
CA PHE A 385 -25.89 29.50 5.34
C PHE A 385 -25.80 30.05 3.91
N LEU A 386 -26.93 30.03 3.20
CA LEU A 386 -27.00 30.56 1.84
C LEU A 386 -26.83 32.09 1.83
N ALA A 387 -27.38 32.74 2.84
CA ALA A 387 -27.23 34.19 3.02
C ALA A 387 -25.76 34.56 3.28
N PHE A 388 -25.08 33.71 4.05
CA PHE A 388 -23.64 33.88 4.31
C PHE A 388 -22.82 33.76 3.02
N LEU A 389 -23.12 32.71 2.25
CA LEU A 389 -22.46 32.48 0.95
C LEU A 389 -22.59 33.69 0.03
N GLN A 390 -23.78 34.29 0.01
CA GLN A 390 -24.06 35.46 -0.83
C GLN A 390 -23.22 36.68 -0.46
N ILE A 391 -23.16 36.99 0.83
CA ILE A 391 -22.37 38.12 1.34
C ILE A 391 -20.86 37.86 1.17
N LEU A 392 -20.44 36.62 1.45
CA LEU A 392 -19.04 36.21 1.34
C LEU A 392 -18.50 36.35 -0.10
N SER A 393 -19.32 35.99 -1.06
CA SER A 393 -18.95 36.03 -2.48
C SER A 393 -18.82 37.45 -3.03
N GLN A 394 -19.44 38.41 -2.35
CA GLN A 394 -19.46 39.79 -2.82
C GLN A 394 -18.54 40.71 -2.01
N SER A 395 -17.99 40.18 -0.91
CA SER A 395 -17.08 40.94 -0.06
C SER A 395 -15.71 40.27 0.04
N ARG A 396 -14.72 40.90 -0.58
CA ARG A 396 -13.33 40.42 -0.52
C ARG A 396 -12.78 40.46 0.90
N GLU A 397 -13.11 41.54 1.62
CA GLU A 397 -12.68 41.72 3.02
C GLU A 397 -13.18 40.57 3.90
N MET A 398 -14.42 40.13 3.66
CA MET A 398 -14.99 38.99 4.38
C MET A 398 -14.34 37.68 3.93
N ALA A 399 -14.11 37.56 2.62
CA ALA A 399 -13.43 36.40 2.04
C ALA A 399 -12.00 36.25 2.59
N ASP A 400 -11.31 37.38 2.72
CA ASP A 400 -9.96 37.41 3.28
C ASP A 400 -9.94 36.96 4.75
N GLU A 401 -10.91 37.47 5.52
CA GLU A 401 -11.04 37.13 6.93
C GLU A 401 -11.38 35.64 7.10
N PHE A 402 -12.34 35.16 6.32
CA PHE A 402 -12.77 33.76 6.35
C PHE A 402 -11.63 32.80 5.97
N THR A 403 -10.89 33.15 4.92
CA THR A 403 -9.77 32.36 4.44
C THR A 403 -8.66 32.26 5.50
N ASP A 404 -8.20 33.40 5.99
CA ASP A 404 -7.13 33.42 6.98
C ASP A 404 -7.53 32.71 8.27
N ASN A 405 -8.81 32.75 8.61
CA ASN A 405 -9.32 32.12 9.82
C ASN A 405 -9.36 30.59 9.78
N PHE A 406 -8.92 30.01 8.67
CA PHE A 406 -8.61 28.59 8.60
C PHE A 406 -7.46 28.25 9.55
N ASN A 407 -6.64 29.26 9.84
CA ASN A 407 -5.60 29.17 10.87
C ASN A 407 -6.17 29.13 12.29
N TYR A 408 -7.38 29.67 12.47
CA TYR A 408 -7.97 29.86 13.79
C TYR A 408 -9.40 29.32 13.87
N PRO A 409 -9.56 28.00 14.05
CA PRO A 409 -10.86 27.33 14.09
C PRO A 409 -11.79 27.91 15.16
N GLU A 410 -11.21 28.35 16.28
CA GLU A 410 -11.97 28.95 17.38
C GLU A 410 -12.64 30.26 16.97
N ARG A 411 -11.98 31.02 16.09
CA ARG A 411 -12.54 32.25 15.55
C ARG A 411 -13.68 31.97 14.56
N GLN A 412 -13.55 30.86 13.83
CA GLN A 412 -14.60 30.44 12.89
C GLN A 412 -15.86 30.03 13.63
N TRP A 413 -15.69 29.33 14.75
CA TRP A 413 -16.82 28.89 15.56
C TRP A 413 -17.49 30.07 16.28
N ASP A 414 -16.73 31.14 16.55
CA ASP A 414 -17.29 32.39 17.04
C ASP A 414 -18.28 33.00 16.04
N ARG A 415 -18.09 32.67 14.76
CA ARG A 415 -18.94 33.15 13.69
C ARG A 415 -20.11 32.21 13.38
N PHE A 416 -19.84 30.90 13.39
CA PHE A 416 -20.79 29.90 12.90
C PHE A 416 -21.65 29.19 13.96
N SER A 417 -21.32 29.36 15.24
CA SER A 417 -21.96 28.60 16.32
C SER A 417 -23.47 28.83 16.49
N SER A 418 -23.95 29.99 16.05
CA SER A 418 -25.38 30.31 16.08
C SER A 418 -25.78 31.16 14.87
N PRO A 419 -27.06 31.05 14.43
CA PRO A 419 -27.57 31.89 13.34
C PRO A 419 -27.42 33.38 13.60
N GLU A 420 -27.58 33.80 14.86
CA GLU A 420 -27.40 35.19 15.27
C GLU A 420 -25.97 35.68 15.02
N ARG A 421 -24.99 34.82 15.30
CA ARG A 421 -23.58 35.15 15.09
C ARG A 421 -23.23 35.21 13.60
N ILE A 422 -23.85 34.33 12.81
CA ILE A 422 -23.70 34.35 11.36
C ILE A 422 -24.29 35.64 10.77
N GLY A 423 -25.48 36.00 11.24
CA GLY A 423 -26.16 37.22 10.78
C GLY A 423 -25.45 38.51 11.14
N GLN A 424 -24.86 38.55 12.33
CA GLN A 424 -24.09 39.70 12.80
C GLN A 424 -22.83 39.91 11.94
N TRP A 425 -22.18 38.80 11.60
CA TRP A 425 -20.99 38.82 10.74
C TRP A 425 -21.33 39.30 9.33
N CYS A 426 -22.48 38.86 8.82
CA CYS A 426 -22.97 39.28 7.51
C CYS A 426 -23.32 40.76 7.47
N SER A 427 -23.85 41.28 8.57
CA SER A 427 -24.32 42.67 8.65
C SER A 427 -23.17 43.68 8.67
N GLN A 428 -22.01 43.28 9.21
CA GLN A 428 -20.85 44.17 9.27
C GLN A 428 -20.05 44.19 7.96
N PHE A 429 -20.45 43.36 7.01
CA PHE A 429 -19.81 43.32 5.68
C PHE A 429 -20.77 43.66 4.53
N ALA A 430 -22.08 43.63 4.81
CA ALA A 430 -23.09 44.00 3.82
C ALA A 430 -23.29 45.50 3.75
N ARG B 24 16.06 -0.10 -29.39
CA ARG B 24 15.88 -1.31 -30.25
C ARG B 24 14.80 -2.22 -29.67
N ILE B 25 14.93 -2.55 -28.38
CA ILE B 25 13.90 -3.34 -27.68
C ILE B 25 13.31 -2.53 -26.53
N GLY B 26 11.98 -2.39 -26.54
CA GLY B 26 11.25 -1.73 -25.46
C GLY B 26 10.58 -2.74 -24.54
N ILE B 27 10.77 -2.58 -23.24
CA ILE B 27 10.20 -3.48 -22.24
C ILE B 27 9.26 -2.73 -21.30
N VAL B 28 7.98 -3.08 -21.34
CA VAL B 28 6.98 -2.47 -20.46
C VAL B 28 6.85 -3.29 -19.19
N GLY B 29 7.37 -2.75 -18.09
CA GLY B 29 7.35 -3.42 -16.81
C GLY B 29 8.72 -3.93 -16.42
N ALA B 30 9.07 -3.75 -15.14
CA ALA B 30 10.31 -4.29 -14.61
C ALA B 30 10.06 -5.74 -14.22
N GLY B 31 10.23 -6.06 -12.94
CA GLY B 31 10.01 -7.43 -12.45
C GLY B 31 11.03 -8.41 -12.97
N THR B 32 10.94 -9.65 -12.51
CA THR B 32 11.90 -10.69 -12.88
C THR B 32 11.95 -10.94 -14.39
N ALA B 33 10.78 -10.93 -15.05
CA ALA B 33 10.70 -11.16 -16.49
C ALA B 33 11.40 -10.07 -17.30
N GLY B 34 11.02 -8.81 -17.07
CA GLY B 34 11.55 -7.69 -17.82
C GLY B 34 13.02 -7.43 -17.58
N LEU B 35 13.44 -7.55 -16.32
CA LEU B 35 14.82 -7.27 -15.94
C LEU B 35 15.77 -8.37 -16.38
N HIS B 36 15.35 -9.64 -16.26
CA HIS B 36 16.14 -10.76 -16.75
C HIS B 36 16.29 -10.71 -18.28
N LEU B 37 15.22 -10.32 -18.96
CA LEU B 37 15.27 -10.10 -20.41
C LEU B 37 16.22 -8.96 -20.77
N GLY B 38 16.10 -7.85 -20.05
CA GLY B 38 16.95 -6.68 -20.26
C GLY B 38 18.41 -6.94 -20.04
N LEU B 39 18.71 -7.68 -18.96
CA LEU B 39 20.09 -8.06 -18.62
C LEU B 39 20.69 -9.02 -19.65
N PHE B 40 19.85 -9.91 -20.20
CA PHE B 40 20.28 -10.84 -21.24
C PHE B 40 20.65 -10.10 -22.51
N LEU B 41 19.73 -9.24 -22.97
CA LEU B 41 19.90 -8.49 -24.21
C LEU B 41 21.09 -7.52 -24.13
N ARG B 42 21.37 -7.03 -22.92
CA ARG B 42 22.46 -6.10 -22.68
C ARG B 42 23.83 -6.78 -22.77
N GLN B 43 23.87 -8.08 -22.52
CA GLN B 43 25.10 -8.86 -22.66
C GLN B 43 25.50 -9.03 -24.13
N HIS B 44 24.52 -8.94 -25.02
CA HIS B 44 24.75 -9.05 -26.46
C HIS B 44 24.69 -7.69 -27.17
N ASP B 45 24.92 -6.62 -26.39
CA ASP B 45 24.98 -5.23 -26.88
C ASP B 45 23.72 -4.77 -27.63
N VAL B 46 22.57 -5.26 -27.18
CA VAL B 46 21.28 -4.82 -27.71
C VAL B 46 20.78 -3.64 -26.88
N ASP B 47 20.23 -2.64 -27.55
CA ASP B 47 19.71 -1.43 -26.91
C ASP B 47 18.37 -1.74 -26.23
N VAL B 48 18.32 -1.58 -24.91
CA VAL B 48 17.10 -1.86 -24.14
C VAL B 48 16.60 -0.67 -23.32
N THR B 49 15.28 -0.47 -23.34
CA THR B 49 14.64 0.55 -22.53
C THR B 49 13.50 -0.09 -21.72
N VAL B 50 13.52 0.14 -20.42
CA VAL B 50 12.52 -0.44 -19.53
C VAL B 50 11.59 0.64 -18.98
N TYR B 51 10.30 0.44 -19.18
CA TYR B 51 9.27 1.34 -18.69
C TYR B 51 8.64 0.78 -17.42
N THR B 52 8.91 1.44 -16.30
CA THR B 52 8.36 1.04 -15.00
C THR B 52 8.02 2.27 -14.15
N ASP B 53 7.10 2.12 -13.21
CA ASP B 53 6.61 3.26 -12.43
C ASP B 53 7.42 3.57 -11.16
N ARG B 54 8.09 2.55 -10.63
CA ARG B 54 8.82 2.65 -9.37
C ARG B 54 10.33 2.76 -9.58
N LYS B 55 10.95 3.72 -8.90
CA LYS B 55 12.41 3.87 -8.88
C LYS B 55 13.03 2.81 -7.96
N PRO B 56 14.32 2.46 -8.19
CA PRO B 56 15.01 1.43 -7.40
C PRO B 56 15.04 1.71 -5.89
N ASP B 57 15.16 2.98 -5.50
CA ASP B 57 15.24 3.35 -4.08
C ASP B 57 13.88 3.55 -3.41
N GLU B 58 12.81 3.15 -4.10
CA GLU B 58 11.44 3.30 -3.59
C GLU B 58 10.75 1.97 -3.31
N TYR B 59 11.53 0.89 -3.27
CA TYR B 59 10.99 -0.47 -3.10
C TYR B 59 10.78 -0.90 -1.65
N SER B 60 11.61 -0.38 -0.74
CA SER B 60 11.61 -0.83 0.66
C SER B 60 10.27 -0.63 1.37
N GLY B 61 9.51 0.37 0.94
CA GLY B 61 8.22 0.69 1.54
C GLY B 61 7.01 0.08 0.86
N LEU B 62 7.24 -0.70 -0.19
CA LEU B 62 6.15 -1.40 -0.88
C LEU B 62 5.60 -2.52 0.00
N ARG B 63 4.31 -2.80 -0.15
CA ARG B 63 3.70 -3.96 0.48
C ARG B 63 4.31 -5.22 -0.13
N LEU B 64 4.48 -6.27 0.70
CA LEU B 64 5.07 -7.53 0.25
C LEU B 64 4.61 -7.93 -1.15
N LEU B 65 5.57 -8.10 -2.05
CA LEU B 65 5.29 -8.44 -3.45
C LEU B 65 5.14 -9.96 -3.62
N ASN B 66 5.65 -10.49 -4.73
CA ASN B 66 5.57 -11.92 -5.00
C ASN B 66 6.57 -12.70 -4.14
N THR B 67 6.03 -13.43 -3.17
CA THR B 67 6.84 -14.14 -2.15
C THR B 67 7.52 -15.41 -2.68
N VAL B 68 7.34 -15.68 -3.97
CA VAL B 68 7.83 -16.90 -4.61
C VAL B 68 9.35 -17.01 -4.62
N ALA B 69 9.85 -18.24 -4.47
CA ALA B 69 11.28 -18.53 -4.47
C ALA B 69 11.82 -18.77 -5.87
N HIS B 70 13.13 -18.58 -6.03
CA HIS B 70 13.82 -18.84 -7.28
C HIS B 70 14.51 -20.19 -7.20
N ASN B 71 14.23 -21.07 -8.17
CA ASN B 71 14.83 -22.40 -8.17
C ASN B 71 16.25 -22.42 -8.74
N ALA B 72 16.92 -23.57 -8.61
CA ALA B 72 18.30 -23.74 -9.07
C ALA B 72 18.53 -23.32 -10.52
N VAL B 73 17.57 -23.62 -11.39
CA VAL B 73 17.67 -23.28 -12.81
C VAL B 73 17.64 -21.76 -13.03
N THR B 74 16.75 -21.08 -12.30
CA THR B 74 16.69 -19.62 -12.30
C THR B 74 17.98 -19.02 -11.73
N VAL B 75 18.50 -19.63 -10.68
CA VAL B 75 19.77 -19.22 -10.06
C VAL B 75 20.93 -19.34 -11.06
N GLN B 76 20.93 -20.41 -11.85
CA GLN B 76 21.93 -20.60 -12.90
C GLN B 76 21.92 -19.47 -13.93
N ARG B 77 20.72 -19.00 -14.27
CA ARG B 77 20.55 -17.85 -15.17
C ARG B 77 21.09 -16.57 -14.55
N GLU B 78 20.89 -16.41 -13.24
CA GLU B 78 21.40 -15.26 -12.51
C GLU B 78 22.92 -15.22 -12.49
N VAL B 79 23.55 -16.39 -12.33
CA VAL B 79 25.00 -16.53 -12.40
C VAL B 79 25.50 -16.15 -13.81
N ALA B 80 24.82 -16.66 -14.83
CA ALA B 80 25.15 -16.34 -16.23
C ALA B 80 24.93 -14.85 -16.52
N LEU B 81 23.94 -14.25 -15.88
CA LEU B 81 23.66 -12.82 -16.03
C LEU B 81 24.48 -11.94 -15.08
N ASP B 82 25.37 -12.57 -14.30
CA ASP B 82 26.26 -11.88 -13.35
C ASP B 82 25.50 -11.05 -12.31
N VAL B 83 24.38 -11.58 -11.82
CA VAL B 83 23.58 -10.92 -10.78
C VAL B 83 23.36 -11.81 -9.55
N ASN B 84 24.30 -12.74 -9.33
CA ASN B 84 24.24 -13.64 -8.19
C ASN B 84 24.71 -12.94 -6.91
N GLU B 85 23.96 -11.92 -6.51
CA GLU B 85 24.28 -11.11 -5.33
C GLU B 85 24.20 -11.92 -4.04
N TRP B 86 23.15 -12.74 -3.92
CA TRP B 86 22.95 -13.59 -2.76
C TRP B 86 22.97 -15.07 -3.17
N PRO B 87 24.12 -15.74 -3.01
CA PRO B 87 24.31 -17.13 -3.45
C PRO B 87 23.33 -18.10 -2.79
N SER B 88 22.81 -19.04 -3.58
CA SER B 88 21.81 -20.01 -3.13
C SER B 88 22.33 -20.97 -2.05
N GLU B 89 23.64 -21.22 -2.06
CA GLU B 89 24.25 -22.10 -1.06
C GLU B 89 24.33 -21.44 0.31
N GLU B 90 24.41 -20.11 0.31
CA GLU B 90 24.52 -19.35 1.56
C GLU B 90 23.16 -18.86 2.08
N PHE B 91 22.27 -18.50 1.16
CA PHE B 91 21.00 -17.88 1.53
C PHE B 91 19.77 -18.75 1.22
N GLY B 92 19.98 -19.84 0.50
CA GLY B 92 18.87 -20.67 0.04
C GLY B 92 18.52 -21.86 0.91
N TYR B 93 17.63 -22.70 0.40
CA TYR B 93 17.19 -23.91 1.10
C TYR B 93 17.41 -25.14 0.21
N PHE B 94 17.44 -26.31 0.83
CA PHE B 94 18.00 -27.50 0.18
C PHE B 94 17.01 -28.64 -0.06
N GLY B 95 15.77 -28.46 0.37
CA GLY B 95 14.73 -29.47 0.16
C GLY B 95 13.37 -29.05 0.66
N HIS B 96 12.41 -29.98 0.58
CA HIS B 96 11.06 -29.76 1.09
C HIS B 96 10.70 -30.76 2.18
N TYR B 97 10.33 -30.23 3.34
CA TYR B 97 9.61 -31.02 4.34
C TYR B 97 8.15 -31.04 3.93
N TYR B 98 7.50 -32.18 4.14
CA TYR B 98 6.09 -32.30 3.83
C TYR B 98 5.29 -32.67 5.07
N TYR B 99 4.25 -31.89 5.34
CA TYR B 99 3.27 -32.24 6.34
C TYR B 99 1.89 -32.28 5.70
N VAL B 100 1.16 -33.35 5.96
CA VAL B 100 -0.22 -33.46 5.52
C VAL B 100 -1.06 -33.97 6.69
N GLY B 101 -2.02 -33.14 7.11
CA GLY B 101 -2.75 -33.35 8.34
C GLY B 101 -3.84 -34.40 8.32
N GLY B 102 -4.80 -34.24 9.21
CA GLY B 102 -5.84 -35.24 9.42
C GLY B 102 -5.57 -36.01 10.69
N PRO B 103 -6.45 -36.97 11.04
CA PRO B 103 -6.28 -37.81 12.23
C PRO B 103 -4.95 -38.56 12.28
N GLN B 104 -4.50 -39.06 11.12
CA GLN B 104 -3.17 -39.66 11.02
C GLN B 104 -2.27 -38.84 10.09
N PRO B 105 -1.50 -37.90 10.66
CA PRO B 105 -0.65 -37.01 9.87
C PRO B 105 0.55 -37.73 9.26
N MET B 106 1.01 -37.23 8.10
CA MET B 106 2.20 -37.75 7.44
C MET B 106 3.34 -36.73 7.50
N ARG B 107 4.52 -37.19 7.90
CA ARG B 107 5.71 -36.35 7.94
C ARG B 107 6.84 -37.01 7.15
N PHE B 108 7.28 -36.34 6.09
CA PHE B 108 8.37 -36.85 5.25
C PHE B 108 9.16 -35.72 4.57
N TYR B 109 10.22 -36.10 3.87
CA TYR B 109 11.15 -35.13 3.31
C TYR B 109 11.63 -35.50 1.90
N GLY B 110 11.86 -34.49 1.08
CA GLY B 110 12.43 -34.67 -0.25
C GLY B 110 13.54 -33.66 -0.51
N ASP B 111 14.61 -34.12 -1.13
CA ASP B 111 15.77 -33.28 -1.45
C ASP B 111 15.59 -32.54 -2.77
N LEU B 112 16.12 -31.32 -2.82
CA LEU B 112 16.41 -30.64 -4.08
C LEU B 112 17.84 -31.02 -4.46
N LYS B 113 18.07 -31.24 -5.75
CA LYS B 113 19.41 -31.59 -6.23
C LYS B 113 20.38 -30.42 -6.06
N ALA B 114 19.86 -29.21 -6.28
CA ALA B 114 20.59 -27.97 -6.04
C ALA B 114 19.66 -26.99 -5.34
N PRO B 115 20.20 -26.15 -4.43
CA PRO B 115 19.36 -25.28 -3.61
C PRO B 115 18.52 -24.27 -4.38
N SER B 116 17.31 -24.02 -3.87
CA SER B 116 16.48 -22.90 -4.29
C SER B 116 16.66 -21.77 -3.30
N ARG B 117 16.22 -20.56 -3.65
CA ARG B 117 16.47 -19.39 -2.81
C ARG B 117 15.39 -18.33 -2.96
N ALA B 118 14.92 -17.84 -1.81
CA ALA B 118 13.97 -16.74 -1.77
C ALA B 118 14.58 -15.51 -1.11
N VAL B 119 14.57 -14.40 -1.84
CA VAL B 119 15.00 -13.11 -1.31
C VAL B 119 13.88 -12.11 -1.55
N ASP B 120 13.50 -11.40 -0.50
CA ASP B 120 12.51 -10.32 -0.57
C ASP B 120 12.71 -9.51 -1.84
N TYR B 121 11.67 -9.44 -2.67
CA TYR B 121 11.73 -8.72 -3.94
C TYR B 121 12.02 -7.22 -3.77
N ARG B 122 11.73 -6.70 -2.57
CA ARG B 122 12.02 -5.31 -2.24
C ARG B 122 13.52 -5.05 -2.10
N LEU B 123 14.30 -6.13 -1.95
CA LEU B 123 15.76 -6.06 -2.01
C LEU B 123 16.27 -6.54 -3.35
N TYR B 124 15.64 -7.60 -3.86
CA TYR B 124 16.11 -8.29 -5.08
C TYR B 124 15.89 -7.49 -6.36
N GLN B 125 14.71 -6.91 -6.52
CA GLN B 125 14.38 -6.15 -7.73
C GLN B 125 15.26 -4.90 -7.93
N PRO B 126 15.45 -4.08 -6.86
CA PRO B 126 16.36 -2.94 -6.99
C PRO B 126 17.79 -3.34 -7.37
N MET B 127 18.23 -4.49 -6.87
CA MET B 127 19.53 -5.04 -7.22
C MET B 127 19.64 -5.29 -8.73
N LEU B 128 18.60 -5.89 -9.32
CA LEU B 128 18.55 -6.15 -10.76
C LEU B 128 18.49 -4.86 -11.58
N MET B 129 17.72 -3.90 -11.08
CA MET B 129 17.55 -2.60 -11.75
C MET B 129 18.86 -1.81 -11.80
N ARG B 130 19.59 -1.82 -10.69
CA ARG B 130 20.87 -1.10 -10.60
C ARG B 130 21.95 -1.78 -11.46
N ALA B 131 21.87 -3.10 -11.57
CA ALA B 131 22.77 -3.86 -12.42
C ALA B 131 22.51 -3.60 -13.90
N LEU B 132 21.22 -3.49 -14.26
CA LEU B 132 20.82 -3.23 -15.64
C LEU B 132 21.19 -1.81 -16.07
N GLU B 133 20.95 -0.83 -15.21
CA GLU B 133 21.29 0.56 -15.49
C GLU B 133 22.81 0.74 -15.65
N ALA B 134 23.57 0.06 -14.82
CA ALA B 134 25.04 0.14 -14.85
C ALA B 134 25.65 -0.49 -16.11
N ARG B 135 24.89 -1.38 -16.74
CA ARG B 135 25.38 -2.08 -17.93
C ARG B 135 24.85 -1.48 -19.24
N GLY B 136 24.15 -0.35 -19.14
CA GLY B 136 23.72 0.40 -20.31
C GLY B 136 22.22 0.38 -20.58
N GLY B 137 21.48 -0.35 -19.75
CA GLY B 137 20.03 -0.41 -19.87
C GLY B 137 19.38 0.90 -19.44
N LYS B 138 18.47 1.40 -20.27
CA LYS B 138 17.80 2.68 -20.02
C LYS B 138 16.50 2.48 -19.28
N PHE B 139 16.21 3.38 -18.35
CA PHE B 139 14.97 3.35 -17.59
C PHE B 139 14.14 4.60 -17.84
N CYS B 140 12.87 4.40 -18.21
CA CYS B 140 11.91 5.49 -18.29
C CYS B 140 10.88 5.30 -17.17
N TYR B 141 10.99 6.11 -16.13
CA TYR B 141 10.12 5.99 -14.96
C TYR B 141 8.79 6.70 -15.20
N ASP B 142 7.88 5.96 -15.83
CA ASP B 142 6.57 6.46 -16.20
C ASP B 142 5.58 5.31 -16.26
N ALA B 143 4.33 5.58 -15.87
CA ALA B 143 3.26 4.60 -15.92
C ALA B 143 2.75 4.41 -17.34
N VAL B 144 2.70 3.16 -17.78
CA VAL B 144 2.25 2.82 -19.13
C VAL B 144 0.91 2.08 -19.09
N SER B 145 -0.07 2.61 -19.83
CA SER B 145 -1.39 1.96 -19.97
C SER B 145 -1.61 1.48 -21.40
N ALA B 146 -2.77 0.87 -21.64
CA ALA B 146 -3.09 0.26 -22.94
C ALA B 146 -3.03 1.24 -24.12
N GLU B 147 -3.43 2.49 -23.88
CA GLU B 147 -3.45 3.53 -24.92
C GLU B 147 -2.06 3.92 -25.43
N ASP B 148 -1.03 3.67 -24.61
CA ASP B 148 0.34 4.06 -24.93
C ASP B 148 1.06 3.05 -25.82
N LEU B 149 0.53 1.84 -25.89
CA LEU B 149 1.20 0.72 -26.55
C LEU B 149 1.46 0.90 -28.04
N GLU B 150 0.52 1.51 -28.74
CA GLU B 150 0.64 1.74 -30.19
C GLU B 150 1.79 2.72 -30.50
N GLY B 151 1.89 3.78 -29.71
CA GLY B 151 2.94 4.77 -29.86
C GLY B 151 4.33 4.21 -29.57
N LEU B 152 4.41 3.36 -28.54
CA LEU B 152 5.66 2.73 -28.14
C LEU B 152 6.11 1.66 -29.13
N SER B 153 5.16 1.03 -29.82
CA SER B 153 5.46 -0.02 -30.80
C SER B 153 6.18 0.52 -32.03
N GLU B 154 5.95 1.80 -32.33
CA GLU B 154 6.59 2.47 -33.46
C GLU B 154 7.94 3.09 -33.09
N GLN B 155 8.25 3.11 -31.79
CA GLN B 155 9.52 3.63 -31.28
C GLN B 155 10.61 2.57 -31.20
N TYR B 156 10.21 1.30 -31.14
CA TYR B 156 11.14 0.19 -31.02
C TYR B 156 10.91 -0.87 -32.09
N ASP B 157 11.90 -1.74 -32.30
CA ASP B 157 11.78 -2.85 -33.24
C ASP B 157 10.83 -3.92 -32.70
N LEU B 158 10.84 -4.09 -31.38
CA LEU B 158 9.90 -4.97 -30.69
C LEU B 158 9.54 -4.43 -29.32
N LEU B 159 8.24 -4.41 -29.04
CA LEU B 159 7.75 -4.03 -27.71
C LEU B 159 7.33 -5.27 -26.94
N VAL B 160 7.89 -5.41 -25.74
CA VAL B 160 7.59 -6.52 -24.85
C VAL B 160 6.95 -5.97 -23.57
N VAL B 161 5.79 -6.52 -23.21
CA VAL B 161 5.12 -6.15 -21.96
C VAL B 161 5.04 -7.35 -21.02
N CYS B 162 5.49 -7.15 -19.78
CA CYS B 162 5.57 -8.23 -18.80
C CYS B 162 4.90 -7.91 -17.46
N THR B 163 4.32 -6.73 -17.35
CA THR B 163 3.61 -6.33 -16.14
C THR B 163 2.09 -6.28 -16.35
N GLY B 164 1.35 -6.82 -15.39
CA GLY B 164 -0.11 -6.84 -15.45
C GLY B 164 -0.77 -5.59 -14.89
N LYS B 165 0.00 -4.76 -14.20
CA LYS B 165 -0.53 -3.54 -13.58
C LYS B 165 -0.82 -2.45 -14.61
N TYR B 166 -1.72 -1.54 -14.24
CA TYR B 166 -2.32 -0.57 -15.15
C TYR B 166 -3.18 -1.26 -16.22
N ALA B 167 -3.75 -2.40 -15.84
CA ALA B 167 -4.70 -3.18 -16.65
C ALA B 167 -4.20 -3.62 -18.03
N LEU B 168 -2.89 -3.85 -18.15
CA LEU B 168 -2.28 -4.24 -19.42
C LEU B 168 -2.60 -5.69 -19.81
N GLY B 169 -3.06 -6.48 -18.85
CA GLY B 169 -3.44 -7.87 -19.08
C GLY B 169 -4.61 -8.04 -20.04
N LYS B 170 -5.47 -7.03 -20.11
CA LYS B 170 -6.66 -7.04 -20.97
C LYS B 170 -6.33 -6.95 -22.47
N VAL B 171 -5.11 -6.54 -22.78
CA VAL B 171 -4.63 -6.44 -24.17
C VAL B 171 -4.40 -7.82 -24.77
N PHE B 172 -4.05 -8.78 -23.92
CA PHE B 172 -3.82 -10.16 -24.34
C PHE B 172 -5.01 -11.05 -24.02
N GLU B 173 -5.65 -11.57 -25.07
CA GLU B 173 -6.86 -12.38 -24.97
C GLU B 173 -6.69 -13.58 -24.04
N LYS B 174 -7.69 -13.79 -23.19
CA LYS B 174 -7.73 -14.93 -22.29
C LYS B 174 -8.02 -16.22 -23.05
N GLN B 175 -7.22 -17.25 -22.79
CA GLN B 175 -7.45 -18.56 -23.41
C GLN B 175 -8.28 -19.44 -22.48
N SER B 176 -9.57 -19.55 -22.79
CA SER B 176 -10.54 -20.26 -21.94
C SER B 176 -10.21 -21.75 -21.76
N GLU B 177 -9.69 -22.38 -22.81
CA GLU B 177 -9.31 -23.79 -22.77
C GLU B 177 -8.16 -24.05 -21.79
N ASN B 178 -7.44 -23.00 -21.43
CA ASN B 178 -6.34 -23.08 -20.47
C ASN B 178 -6.61 -22.30 -19.19
N SER B 179 -7.83 -21.76 -19.07
CA SER B 179 -8.22 -20.97 -17.91
C SER B 179 -9.57 -21.43 -17.34
N PRO B 180 -9.56 -22.52 -16.54
CA PRO B 180 -10.81 -23.09 -16.04
C PRO B 180 -11.47 -22.29 -14.91
N PHE B 181 -10.70 -21.46 -14.21
CA PHE B 181 -11.20 -20.70 -13.07
C PHE B 181 -11.46 -19.24 -13.41
N GLU B 182 -12.51 -18.68 -12.81
CA GLU B 182 -12.86 -17.28 -13.02
C GLU B 182 -12.78 -16.45 -11.73
N LYS B 183 -12.56 -17.12 -10.60
CA LYS B 183 -12.42 -16.46 -9.31
C LYS B 183 -11.33 -17.16 -8.48
N PRO B 184 -10.79 -16.49 -7.45
CA PRO B 184 -9.75 -17.10 -6.61
C PRO B 184 -10.18 -18.45 -6.04
N GLN B 185 -9.27 -19.42 -6.08
CA GLN B 185 -9.56 -20.75 -5.54
C GLN B 185 -9.21 -20.84 -4.06
N ARG B 186 -8.38 -19.90 -3.59
CA ARG B 186 -7.99 -19.82 -2.19
C ARG B 186 -8.03 -18.39 -1.67
N ALA B 187 -8.34 -18.24 -0.38
CA ALA B 187 -8.22 -16.97 0.30
C ALA B 187 -6.81 -16.87 0.88
N LEU B 188 -6.06 -15.89 0.41
CA LEU B 188 -4.62 -15.80 0.70
C LEU B 188 -4.27 -14.95 1.90
N CYS B 189 -3.37 -15.47 2.72
CA CYS B 189 -2.72 -14.69 3.77
C CYS B 189 -1.22 -14.98 3.70
N VAL B 190 -0.47 -14.04 3.13
CA VAL B 190 0.96 -14.22 2.90
C VAL B 190 1.75 -13.20 3.70
N GLY B 191 2.70 -13.67 4.51
CA GLY B 191 3.51 -12.78 5.33
C GLY B 191 4.92 -13.26 5.60
N LEU B 192 5.81 -12.31 5.93
CA LEU B 192 7.15 -12.61 6.40
C LEU B 192 7.16 -12.48 7.91
N PHE B 193 7.64 -13.52 8.59
CA PHE B 193 7.56 -13.59 10.04
C PHE B 193 8.92 -13.78 10.71
N LYS B 194 9.05 -13.26 11.92
CA LYS B 194 10.20 -13.52 12.78
C LYS B 194 9.80 -14.47 13.90
N GLY B 195 10.80 -15.05 14.58
CA GLY B 195 10.56 -15.93 15.72
C GLY B 195 10.18 -17.36 15.38
N ILE B 196 10.34 -17.75 14.11
CA ILE B 196 10.10 -19.13 13.70
C ILE B 196 11.44 -19.84 13.48
N LYS B 197 11.71 -20.83 14.33
CA LYS B 197 12.96 -21.60 14.27
C LYS B 197 13.07 -22.38 12.97
N GLU B 198 14.30 -22.54 12.52
CA GLU B 198 14.61 -23.29 11.31
C GLU B 198 14.54 -24.78 11.60
N ALA B 199 14.07 -25.56 10.63
CA ALA B 199 14.09 -27.02 10.70
C ALA B 199 15.53 -27.53 10.66
N PRO B 200 15.78 -28.78 11.10
CA PRO B 200 17.15 -29.32 11.15
C PRO B 200 17.99 -28.99 9.91
N ILE B 201 17.37 -29.02 8.74
CA ILE B 201 17.99 -28.52 7.51
C ILE B 201 17.16 -27.35 6.97
N ARG B 202 17.85 -26.30 6.48
CA ARG B 202 17.17 -25.18 5.83
C ARG B 202 16.36 -25.67 4.65
N ALA B 203 15.03 -25.58 4.80
CA ALA B 203 14.11 -26.16 3.83
C ALA B 203 12.76 -25.48 3.85
N VAL B 204 12.03 -25.60 2.74
CA VAL B 204 10.62 -25.26 2.70
C VAL B 204 9.84 -26.36 3.39
N THR B 205 8.76 -25.98 4.08
CA THR B 205 7.78 -26.94 4.55
C THR B 205 6.47 -26.70 3.82
N MET B 206 5.94 -27.76 3.21
CA MET B 206 4.61 -27.71 2.61
C MET B 206 3.64 -28.49 3.48
N SER B 207 2.72 -27.76 4.09
CA SER B 207 1.78 -28.33 5.04
C SER B 207 0.35 -28.25 4.52
N PHE B 208 -0.35 -29.37 4.56
CA PHE B 208 -1.72 -29.44 4.09
C PHE B 208 -2.68 -29.88 5.20
N SER B 209 -3.62 -29.00 5.53
CA SER B 209 -4.72 -29.33 6.42
C SER B 209 -5.95 -29.68 5.57
N PRO B 210 -6.33 -30.97 5.56
CA PRO B 210 -7.37 -31.52 4.68
C PRO B 210 -8.70 -30.77 4.77
N GLY B 211 -9.16 -30.25 3.63
CA GLY B 211 -10.41 -29.50 3.55
C GLY B 211 -10.35 -28.11 4.14
N HIS B 212 -9.17 -27.69 4.59
CA HIS B 212 -9.01 -26.39 5.23
C HIS B 212 -7.99 -25.45 4.58
N GLY B 213 -6.80 -25.97 4.26
CA GLY B 213 -5.80 -25.13 3.60
C GLY B 213 -4.38 -25.66 3.48
N GLU B 214 -3.61 -24.99 2.63
CA GLU B 214 -2.19 -25.29 2.45
C GLU B 214 -1.34 -24.18 3.07
N LEU B 215 -0.20 -24.57 3.63
CA LEU B 215 0.80 -23.61 4.07
C LEU B 215 2.14 -23.93 3.43
N ILE B 216 2.76 -22.91 2.84
CA ILE B 216 4.13 -23.03 2.35
C ILE B 216 5.01 -22.13 3.21
N GLU B 217 5.90 -22.75 3.96
CA GLU B 217 6.86 -22.03 4.78
C GLU B 217 8.18 -21.92 4.01
N ILE B 218 8.60 -20.70 3.73
CA ILE B 218 9.79 -20.46 2.90
C ILE B 218 10.81 -19.59 3.63
N PRO B 219 12.03 -20.13 3.84
CA PRO B 219 13.12 -19.32 4.38
C PRO B 219 13.44 -18.19 3.40
N THR B 220 13.27 -16.96 3.84
CA THR B 220 13.38 -15.79 2.97
C THR B 220 14.30 -14.74 3.57
N LEU B 221 15.25 -14.28 2.77
CA LEU B 221 16.09 -13.15 3.16
C LEU B 221 15.34 -11.85 2.99
N SER B 222 15.20 -11.11 4.08
CA SER B 222 14.54 -9.80 4.05
C SER B 222 15.41 -8.76 4.75
N PHE B 223 14.84 -7.58 5.00
CA PHE B 223 15.56 -6.43 5.56
C PHE B 223 16.37 -6.76 6.81
N ASN B 224 15.74 -7.43 7.76
CA ASN B 224 16.36 -7.75 9.04
C ASN B 224 17.08 -9.10 9.06
N GLY B 225 17.31 -9.67 7.88
CA GLY B 225 18.02 -10.93 7.75
C GLY B 225 17.12 -12.08 7.36
N MET B 226 17.52 -13.29 7.74
CA MET B 226 16.76 -14.50 7.44
C MET B 226 15.46 -14.56 8.25
N SER B 227 14.35 -14.45 7.54
CA SER B 227 13.03 -14.62 8.11
C SER B 227 12.33 -15.79 7.44
N THR B 228 11.11 -16.08 7.85
CA THR B 228 10.34 -17.15 7.22
C THR B 228 9.03 -16.63 6.66
N ALA B 229 8.82 -16.89 5.37
CA ALA B 229 7.56 -16.57 4.71
C ALA B 229 6.52 -17.64 5.03
N LEU B 230 5.32 -17.19 5.38
CA LEU B 230 4.19 -18.09 5.56
C LEU B 230 3.14 -17.80 4.49
N VAL B 231 3.00 -18.75 3.55
CA VAL B 231 2.05 -18.62 2.45
C VAL B 231 0.83 -19.48 2.76
N LEU B 232 -0.22 -18.83 3.25
CA LEU B 232 -1.45 -19.54 3.66
C LEU B 232 -2.50 -19.53 2.56
N GLU B 233 -2.67 -20.68 1.92
CA GLU B 233 -3.67 -20.87 0.87
C GLU B 233 -4.91 -21.48 1.52
N ASN B 234 -5.76 -20.62 2.05
CA ASN B 234 -6.91 -21.05 2.83
C ASN B 234 -8.14 -21.32 1.97
N HIS B 235 -8.78 -22.46 2.25
CA HIS B 235 -9.98 -22.87 1.52
C HIS B 235 -11.14 -21.93 1.83
N ILE B 236 -11.99 -21.69 0.83
CA ILE B 236 -13.19 -20.86 0.98
C ILE B 236 -14.19 -21.60 1.86
N GLY B 237 -14.66 -20.94 2.92
CA GLY B 237 -15.66 -21.50 3.83
C GLY B 237 -15.09 -22.40 4.91
N SER B 238 -13.77 -22.48 4.99
CA SER B 238 -13.10 -23.35 5.96
C SER B 238 -12.83 -22.62 7.28
N ASP B 239 -12.21 -23.35 8.22
CA ASP B 239 -11.84 -22.81 9.53
C ASP B 239 -10.62 -21.89 9.43
N LEU B 240 -10.05 -21.77 8.23
CA LEU B 240 -8.81 -21.06 8.03
C LEU B 240 -8.97 -19.77 7.23
N GLU B 241 -10.16 -19.57 6.64
CA GLU B 241 -10.44 -18.42 5.78
C GLU B 241 -10.36 -17.07 6.48
N VAL B 242 -10.69 -17.05 7.78
CA VAL B 242 -10.67 -15.82 8.59
C VAL B 242 -9.33 -15.07 8.54
N LEU B 243 -8.24 -15.83 8.36
CA LEU B 243 -6.88 -15.27 8.31
C LEU B 243 -6.63 -14.34 7.13
N ALA B 244 -7.42 -14.47 6.08
CA ALA B 244 -7.31 -13.61 4.90
C ALA B 244 -8.10 -12.32 5.05
N HIS B 245 -8.94 -12.25 6.09
CA HIS B 245 -9.84 -11.12 6.30
C HIS B 245 -9.53 -10.28 7.53
N THR B 246 -8.85 -10.88 8.51
CA THR B 246 -8.47 -10.19 9.74
C THR B 246 -7.22 -9.33 9.54
N LYS B 247 -7.33 -8.04 9.83
CA LYS B 247 -6.26 -7.09 9.55
C LYS B 247 -5.31 -6.91 10.72
N TYR B 248 -4.02 -7.05 10.45
CA TYR B 248 -2.96 -6.88 11.46
C TYR B 248 -3.00 -5.50 12.11
N ASP B 249 -3.20 -4.47 11.30
CA ASP B 249 -3.20 -3.08 11.77
C ASP B 249 -4.45 -2.68 12.55
N ASP B 250 -5.47 -3.53 12.54
CA ASP B 250 -6.66 -3.31 13.37
C ASP B 250 -6.37 -3.69 14.82
N ASP B 251 -5.59 -4.74 15.02
CA ASP B 251 -5.17 -5.21 16.34
C ASP B 251 -4.09 -6.29 16.16
N PRO B 252 -2.80 -5.92 16.34
CA PRO B 252 -1.68 -6.83 16.10
C PRO B 252 -1.70 -8.05 17.01
N ARG B 253 -2.01 -7.85 18.29
CA ARG B 253 -2.08 -8.94 19.26
C ARG B 253 -3.16 -9.96 18.89
N ALA B 254 -4.33 -9.47 18.47
CA ALA B 254 -5.44 -10.33 18.08
C ALA B 254 -5.13 -11.14 16.82
N PHE B 255 -4.46 -10.50 15.85
CA PHE B 255 -4.02 -11.18 14.63
C PHE B 255 -3.00 -12.28 14.95
N LEU B 256 -2.01 -11.92 15.76
CA LEU B 256 -0.94 -12.85 16.15
C LEU B 256 -1.46 -14.04 16.96
N ASP B 257 -2.35 -13.78 17.91
CA ASP B 257 -2.99 -14.83 18.70
C ASP B 257 -3.80 -15.78 17.82
N LEU B 258 -4.57 -15.22 16.89
CA LEU B 258 -5.36 -15.99 15.94
C LEU B 258 -4.47 -16.85 15.04
N MET B 259 -3.38 -16.26 14.56
CA MET B 259 -2.40 -16.97 13.74
C MET B 259 -1.79 -18.15 14.51
N LEU B 260 -1.42 -17.91 15.76
CA LEU B 260 -0.82 -18.94 16.61
C LEU B 260 -1.71 -20.17 16.81
N GLU B 261 -2.99 -19.94 17.12
CA GLU B 261 -3.92 -21.05 17.35
C GLU B 261 -4.30 -21.79 16.06
N LYS B 262 -4.48 -21.04 14.98
CA LYS B 262 -4.80 -21.63 13.68
C LYS B 262 -3.66 -22.51 13.15
N LEU B 263 -2.42 -22.02 13.28
CA LEU B 263 -1.24 -22.81 12.92
C LEU B 263 -1.08 -23.97 13.89
N GLY B 264 -1.42 -23.75 15.15
CA GLY B 264 -1.33 -24.75 16.20
C GLY B 264 -2.11 -26.03 15.89
N LYS B 265 -3.31 -25.87 15.34
CA LYS B 265 -4.17 -27.02 15.05
C LYS B 265 -4.17 -27.48 13.58
N HIS B 266 -3.82 -26.57 12.67
CA HIS B 266 -3.83 -26.89 11.23
C HIS B 266 -2.46 -27.19 10.64
N HIS B 267 -1.43 -26.48 11.10
CA HIS B 267 -0.07 -26.70 10.61
C HIS B 267 0.91 -26.88 11.79
N PRO B 268 0.77 -27.97 12.56
CA PRO B 268 1.52 -28.11 13.82
C PRO B 268 3.02 -28.32 13.65
N SER B 269 3.46 -28.89 12.52
CA SER B 269 4.88 -29.12 12.26
C SER B 269 5.65 -27.81 12.09
N VAL B 270 4.94 -26.78 11.63
CA VAL B 270 5.48 -25.42 11.57
C VAL B 270 5.28 -24.73 12.92
N ALA B 271 4.11 -24.92 13.51
CA ALA B 271 3.73 -24.28 14.78
C ALA B 271 4.65 -24.62 15.94
N GLU B 272 5.13 -25.86 15.99
CA GLU B 272 5.98 -26.33 17.10
C GLU B 272 7.38 -25.71 17.11
N ARG B 273 7.76 -25.07 16.00
CA ARG B 273 9.03 -24.36 15.91
C ARG B 273 8.88 -22.85 16.11
N ILE B 274 7.67 -22.42 16.46
CA ILE B 274 7.39 -21.01 16.70
C ILE B 274 7.62 -20.65 18.17
N ASP B 275 8.37 -19.58 18.39
CA ASP B 275 8.52 -18.97 19.71
C ASP B 275 7.48 -17.85 19.83
N PRO B 276 6.45 -18.06 20.67
CA PRO B 276 5.31 -17.12 20.81
C PRO B 276 5.72 -15.74 21.30
N ALA B 277 6.76 -15.68 22.12
CA ALA B 277 7.27 -14.41 22.66
C ALA B 277 7.93 -13.55 21.59
N GLU B 278 8.50 -14.20 20.57
CA GLU B 278 9.17 -13.50 19.47
C GLU B 278 8.32 -13.38 18.21
N PHE B 279 7.26 -14.19 18.13
CA PHE B 279 6.42 -14.27 16.94
C PHE B 279 5.74 -12.95 16.59
N ASP B 280 6.08 -12.44 15.41
CA ASP B 280 5.57 -11.17 14.89
C ASP B 280 5.99 -11.10 13.41
N LEU B 281 5.58 -10.06 12.72
CA LEU B 281 6.04 -9.81 11.36
C LEU B 281 7.52 -9.43 11.37
N ALA B 282 8.23 -9.81 10.30
CA ALA B 282 9.68 -9.68 10.23
C ALA B 282 10.20 -8.25 10.37
N ASN B 283 9.53 -7.30 9.70
CA ASN B 283 9.92 -5.89 9.74
C ASN B 283 8.77 -4.97 10.12
N SER B 284 7.67 -5.03 9.36
CA SER B 284 6.51 -4.16 9.58
C SER B 284 5.22 -4.76 9.02
N SER B 285 4.12 -4.04 9.18
CA SER B 285 2.82 -4.47 8.66
C SER B 285 2.75 -4.47 7.13
N LEU B 286 3.82 -3.97 6.50
CA LEU B 286 3.98 -4.05 5.05
C LEU B 286 4.33 -5.47 4.60
N ASP B 287 4.76 -6.30 5.55
CA ASP B 287 5.15 -7.68 5.27
C ASP B 287 3.98 -8.65 5.22
N ILE B 288 2.76 -8.11 5.07
CA ILE B 288 1.57 -8.95 4.97
C ILE B 288 0.73 -8.60 3.73
N LEU B 289 0.33 -9.63 3.01
CA LEU B 289 -0.51 -9.48 1.83
C LEU B 289 -1.69 -10.44 1.92
N GLN B 290 -2.89 -9.90 1.78
CA GLN B 290 -4.12 -10.67 1.86
C GLN B 290 -5.03 -10.40 0.66
N GLY B 291 -5.70 -11.45 0.20
CA GLY B 291 -6.61 -11.35 -0.95
C GLY B 291 -6.76 -12.65 -1.71
N GLY B 292 -6.76 -12.55 -3.03
CA GLY B 292 -6.95 -13.70 -3.90
C GLY B 292 -6.38 -13.48 -5.29
N VAL B 293 -5.98 -14.58 -5.92
CA VAL B 293 -5.43 -14.55 -7.27
C VAL B 293 -6.35 -15.34 -8.21
N VAL B 294 -6.77 -14.70 -9.29
CA VAL B 294 -7.53 -15.38 -10.34
C VAL B 294 -6.54 -15.97 -11.34
N PRO B 295 -6.43 -17.31 -11.38
CA PRO B 295 -5.51 -17.92 -12.35
C PRO B 295 -5.99 -17.72 -13.79
N ALA B 296 -5.07 -17.36 -14.67
CA ALA B 296 -5.39 -17.07 -16.06
C ALA B 296 -4.22 -17.37 -16.99
N PHE B 297 -4.53 -17.96 -18.13
CA PHE B 297 -3.55 -18.18 -19.18
C PHE B 297 -3.99 -17.44 -20.44
N ARG B 298 -3.11 -16.59 -20.95
CA ARG B 298 -3.46 -15.67 -22.05
C ARG B 298 -2.61 -15.90 -23.30
N ASP B 299 -3.00 -15.27 -24.40
CA ASP B 299 -2.22 -15.25 -25.64
C ASP B 299 -0.83 -14.67 -25.37
N GLY B 300 0.18 -15.27 -25.99
CA GLY B 300 1.56 -14.83 -25.83
C GLY B 300 1.94 -13.67 -26.71
N HIS B 301 0.99 -13.20 -27.51
CA HIS B 301 1.19 -12.08 -28.43
C HIS B 301 -0.10 -11.29 -28.60
N ALA B 302 0.04 -10.05 -29.07
CA ALA B 302 -1.11 -9.21 -29.41
C ALA B 302 -0.83 -8.40 -30.67
N THR B 303 -1.85 -8.29 -31.52
CA THR B 303 -1.77 -7.47 -32.73
C THR B 303 -2.51 -6.16 -32.50
N LEU B 304 -1.78 -5.05 -32.61
CA LEU B 304 -2.35 -3.73 -32.40
C LEU B 304 -3.02 -3.20 -33.67
N ASN B 305 -3.65 -2.04 -33.57
CA ASN B 305 -4.36 -1.42 -34.69
C ASN B 305 -3.45 -0.99 -35.84
N ASN B 306 -2.21 -0.65 -35.51
CA ASN B 306 -1.20 -0.27 -36.50
C ASN B 306 -0.59 -1.46 -37.25
N GLY B 307 -1.01 -2.67 -36.88
CA GLY B 307 -0.57 -3.90 -37.54
C GLY B 307 0.66 -4.55 -36.94
N LYS B 308 1.25 -3.90 -35.94
CA LYS B 308 2.46 -4.43 -35.28
C LYS B 308 2.15 -5.42 -34.17
N THR B 309 3.03 -6.41 -34.02
CA THR B 309 2.89 -7.44 -33.00
C THR B 309 3.69 -7.07 -31.76
N ILE B 310 3.06 -7.19 -30.60
CA ILE B 310 3.77 -7.07 -29.32
C ILE B 310 3.77 -8.41 -28.58
N ILE B 311 4.79 -8.63 -27.77
CA ILE B 311 4.98 -9.92 -27.10
C ILE B 311 4.65 -9.83 -25.61
N GLY B 312 3.85 -10.80 -25.14
CA GLY B 312 3.56 -10.94 -23.71
C GLY B 312 4.55 -11.84 -23.02
N LEU B 313 4.97 -11.45 -21.82
CA LEU B 313 5.96 -12.18 -21.05
C LEU B 313 5.54 -12.27 -19.58
N GLY B 314 5.84 -13.39 -18.95
CA GLY B 314 5.66 -13.55 -17.50
C GLY B 314 4.23 -13.54 -17.02
N ASP B 315 3.96 -12.66 -16.06
CA ASP B 315 2.64 -12.55 -15.42
C ASP B 315 1.50 -12.22 -16.38
N ILE B 316 1.84 -11.49 -17.46
CA ILE B 316 0.85 -11.11 -18.46
C ILE B 316 0.38 -12.30 -19.30
N GLN B 317 1.29 -13.23 -19.59
CA GLN B 317 0.95 -14.42 -20.37
C GLN B 317 0.29 -15.48 -19.49
N ALA B 318 0.70 -15.55 -18.23
CA ALA B 318 0.17 -16.52 -17.29
C ALA B 318 0.17 -15.98 -15.85
N THR B 319 -1.03 -15.86 -15.29
CA THR B 319 -1.19 -15.55 -13.87
C THR B 319 -1.43 -16.85 -13.12
N VAL B 320 -0.46 -17.24 -12.29
CA VAL B 320 -0.52 -18.50 -11.58
C VAL B 320 -0.78 -18.28 -10.09
N ASP B 321 -1.54 -19.17 -9.48
CA ASP B 321 -1.73 -19.20 -8.04
C ASP B 321 -0.42 -19.66 -7.40
N PRO B 322 0.04 -18.94 -6.34
CA PRO B 322 1.40 -19.12 -5.81
C PRO B 322 1.66 -20.40 -5.01
N VAL B 323 0.66 -21.29 -4.91
CA VAL B 323 0.76 -22.50 -4.09
C VAL B 323 1.99 -23.38 -4.43
N LEU B 324 2.33 -23.45 -5.70
CA LEU B 324 3.47 -24.27 -6.15
C LEU B 324 4.73 -23.45 -6.45
N GLY B 325 4.65 -22.15 -6.23
CA GLY B 325 5.79 -21.24 -6.41
C GLY B 325 6.41 -21.29 -7.79
N GLN B 326 5.57 -21.19 -8.82
CA GLN B 326 6.03 -21.33 -10.20
C GLN B 326 6.25 -19.99 -10.91
N GLY B 327 5.51 -18.97 -10.48
CA GLY B 327 5.48 -17.65 -11.14
C GLY B 327 6.81 -17.06 -11.55
N ALA B 328 7.69 -16.85 -10.56
CA ALA B 328 9.00 -16.24 -10.80
C ALA B 328 9.88 -17.06 -11.74
N ASN B 329 9.87 -18.38 -11.57
CA ASN B 329 10.67 -19.27 -12.38
C ASN B 329 10.22 -19.31 -13.84
N MET B 330 8.91 -19.19 -14.06
CA MET B 330 8.35 -19.10 -15.41
C MET B 330 8.69 -17.78 -16.08
N ALA B 331 8.70 -16.71 -15.29
CA ALA B 331 9.09 -15.38 -15.77
C ALA B 331 10.53 -15.36 -16.25
N SER B 332 11.44 -15.91 -15.44
CA SER B 332 12.86 -15.99 -15.77
C SER B 332 13.12 -16.90 -16.98
N TYR B 333 12.47 -18.06 -17.00
CA TYR B 333 12.59 -19.02 -18.10
C TYR B 333 12.20 -18.44 -19.45
N ALA B 334 11.00 -17.87 -19.52
CA ALA B 334 10.49 -17.29 -20.76
C ALA B 334 11.30 -16.07 -21.21
N ALA B 335 11.80 -15.29 -20.25
CA ALA B 335 12.65 -14.14 -20.54
C ALA B 335 13.93 -14.56 -21.23
N TRP B 336 14.51 -15.68 -20.79
CA TRP B 336 15.73 -16.20 -21.39
C TRP B 336 15.50 -16.68 -22.83
N ILE B 337 14.41 -17.40 -23.05
CA ILE B 337 14.05 -17.90 -24.39
C ILE B 337 13.72 -16.76 -25.35
N LEU B 338 12.92 -15.79 -24.90
CA LEU B 338 12.57 -14.62 -25.69
C LEU B 338 13.82 -13.80 -26.05
N GLY B 339 14.75 -13.71 -25.10
CA GLY B 339 16.03 -13.05 -25.31
C GLY B 339 16.83 -13.69 -26.44
N GLU B 340 16.90 -15.02 -26.43
CA GLU B 340 17.58 -15.78 -27.47
C GLU B 340 16.90 -15.61 -28.83
N GLU B 341 15.57 -15.59 -28.82
CA GLU B 341 14.78 -15.49 -30.05
C GLU B 341 14.83 -14.10 -30.69
N ILE B 342 15.03 -13.07 -29.85
CA ILE B 342 15.21 -11.70 -30.33
C ILE B 342 16.52 -11.56 -31.12
N LEU B 343 17.56 -12.24 -30.64
CA LEU B 343 18.86 -12.25 -31.31
C LEU B 343 18.81 -13.01 -32.64
N ALA B 344 18.09 -14.13 -32.65
CA ALA B 344 18.05 -15.04 -33.80
C ALA B 344 17.15 -14.57 -34.93
N HIS B 345 16.19 -13.70 -34.63
CA HIS B 345 15.23 -13.20 -35.61
C HIS B 345 15.41 -11.71 -35.88
N SER B 346 14.96 -11.25 -37.04
CA SER B 346 14.98 -9.84 -37.41
C SER B 346 13.59 -9.29 -37.72
N VAL B 347 12.65 -10.20 -38.02
CA VAL B 347 11.27 -9.82 -38.27
C VAL B 347 10.38 -10.36 -37.15
N TYR B 348 9.78 -9.45 -36.39
CA TYR B 348 8.99 -9.83 -35.22
C TYR B 348 7.50 -9.80 -35.52
N ASP B 349 7.03 -10.86 -36.18
CA ASP B 349 5.62 -11.00 -36.55
C ASP B 349 5.01 -12.28 -35.96
N LEU B 350 3.95 -12.79 -36.60
CA LEU B 350 3.27 -14.00 -36.14
C LEU B 350 4.14 -15.25 -36.22
N ARG B 351 5.00 -15.32 -37.25
CA ARG B 351 5.93 -16.43 -37.41
C ARG B 351 6.98 -16.45 -36.30
N PHE B 352 7.50 -15.26 -35.96
CA PHE B 352 8.39 -15.12 -34.80
C PHE B 352 7.67 -15.58 -33.53
N SER B 353 6.42 -15.17 -33.39
CA SER B 353 5.57 -15.56 -32.26
C SER B 353 5.38 -17.07 -32.16
N GLU B 354 5.23 -17.73 -33.32
CA GLU B 354 5.13 -19.20 -33.38
C GLU B 354 6.41 -19.87 -32.87
N HIS B 355 7.56 -19.41 -33.36
CA HIS B 355 8.87 -19.89 -32.93
C HIS B 355 9.04 -19.78 -31.41
N LEU B 356 8.60 -18.65 -30.87
CA LEU B 356 8.70 -18.37 -29.43
C LEU B 356 7.86 -19.32 -28.59
N GLU B 357 6.60 -19.49 -28.97
CA GLU B 357 5.68 -20.35 -28.21
C GLU B 357 6.11 -21.81 -28.28
N ARG B 358 6.60 -22.24 -29.44
CA ARG B 358 7.14 -23.59 -29.62
C ARG B 358 8.20 -23.91 -28.57
N ARG B 359 8.99 -22.91 -28.21
CA ARG B 359 10.07 -23.08 -27.24
C ARG B 359 9.61 -22.94 -25.78
N ARG B 360 8.76 -21.95 -25.51
CA ARG B 360 8.43 -21.60 -24.12
C ARG B 360 7.12 -22.18 -23.56
N GLN B 361 6.14 -22.42 -24.44
CA GLN B 361 4.77 -22.72 -23.99
C GLN B 361 4.59 -23.92 -23.08
N ASP B 362 5.18 -25.06 -23.44
CA ASP B 362 4.96 -26.31 -22.70
C ASP B 362 5.23 -26.15 -21.21
N ARG B 363 6.43 -25.70 -20.85
CA ARG B 363 6.81 -25.51 -19.46
C ARG B 363 5.89 -24.51 -18.74
N VAL B 364 5.65 -23.38 -19.38
CA VAL B 364 4.81 -22.32 -18.80
C VAL B 364 3.36 -22.80 -18.63
N LEU B 365 2.82 -23.43 -19.68
CA LEU B 365 1.47 -23.98 -19.65
C LEU B 365 1.32 -25.10 -18.62
N CYS B 366 2.34 -25.96 -18.52
CA CYS B 366 2.33 -27.07 -17.58
C CYS B 366 2.38 -26.59 -16.13
N ALA B 367 3.07 -25.48 -15.89
CA ALA B 367 3.09 -24.84 -14.57
C ALA B 367 1.68 -24.41 -14.17
N THR B 368 0.93 -23.87 -15.12
CA THR B 368 -0.48 -23.50 -14.93
C THR B 368 -1.34 -24.75 -14.70
N ARG B 369 -1.17 -25.76 -15.55
CA ARG B 369 -1.96 -26.98 -15.48
C ARG B 369 -1.69 -27.78 -14.20
N TRP B 370 -0.43 -27.86 -13.80
CA TRP B 370 -0.04 -28.55 -12.57
C TRP B 370 -0.55 -27.83 -11.32
N THR B 371 -0.52 -26.50 -11.34
CA THR B 371 -1.03 -25.69 -10.24
C THR B 371 -2.54 -25.81 -10.10
N ASN B 372 -3.25 -25.69 -11.22
CA ASN B 372 -4.70 -25.80 -11.25
C ASN B 372 -5.20 -27.19 -10.86
N PHE B 373 -4.50 -28.21 -11.34
CA PHE B 373 -4.77 -29.60 -10.96
C PHE B 373 -4.64 -29.78 -9.45
N THR B 374 -3.54 -29.28 -8.89
CA THR B 374 -3.22 -29.46 -7.49
C THR B 374 -4.22 -28.77 -6.57
N LEU B 375 -4.62 -27.55 -6.93
CA LEU B 375 -5.64 -26.81 -6.21
C LEU B 375 -6.97 -27.57 -6.14
N SER B 376 -7.38 -28.14 -7.27
CA SER B 376 -8.62 -28.91 -7.37
C SER B 376 -8.51 -30.28 -6.70
N ALA B 377 -7.34 -30.91 -6.81
CA ALA B 377 -7.10 -32.22 -6.20
C ALA B 377 -7.05 -32.13 -4.68
N LEU B 378 -6.52 -31.03 -4.16
CA LEU B 378 -6.43 -30.81 -2.71
C LEU B 378 -7.79 -30.60 -2.06
N SER B 379 -8.72 -29.97 -2.77
CA SER B 379 -10.06 -29.70 -2.24
C SER B 379 -11.01 -30.89 -2.40
N ALA B 380 -10.93 -31.58 -3.54
CA ALA B 380 -11.81 -32.71 -3.82
C ALA B 380 -11.26 -34.02 -3.28
N LEU B 381 -9.93 -34.13 -3.20
CA LEU B 381 -9.23 -35.34 -2.74
C LEU B 381 -9.69 -36.63 -3.45
N PRO B 382 -9.34 -36.76 -4.75
CA PRO B 382 -9.72 -37.94 -5.55
C PRO B 382 -8.93 -39.18 -5.15
N PRO B 383 -9.49 -40.39 -5.40
CA PRO B 383 -8.87 -41.67 -5.05
C PRO B 383 -7.42 -41.81 -5.52
N GLU B 384 -7.15 -41.49 -6.78
CA GLU B 384 -5.80 -41.63 -7.36
C GLU B 384 -4.79 -40.65 -6.76
N PHE B 385 -5.27 -39.51 -6.27
CA PHE B 385 -4.41 -38.51 -5.65
C PHE B 385 -4.06 -38.88 -4.21
N LEU B 386 -5.03 -39.44 -3.49
CA LEU B 386 -4.82 -39.93 -2.13
C LEU B 386 -3.83 -41.10 -2.12
N ALA B 387 -3.94 -41.98 -3.12
CA ALA B 387 -3.01 -43.09 -3.31
C ALA B 387 -1.58 -42.59 -3.60
N PHE B 388 -1.49 -41.47 -4.32
CA PHE B 388 -0.21 -40.82 -4.60
C PHE B 388 0.45 -40.28 -3.33
N LEU B 389 -0.33 -39.61 -2.49
CA LEU B 389 0.18 -39.06 -1.22
C LEU B 389 0.70 -40.14 -0.29
N GLN B 390 0.10 -41.33 -0.36
CA GLN B 390 0.49 -42.47 0.48
C GLN B 390 1.83 -43.04 0.06
N ILE B 391 2.00 -43.34 -1.23
CA ILE B 391 3.27 -43.85 -1.75
C ILE B 391 4.40 -42.82 -1.62
N LEU B 392 4.07 -41.55 -1.85
CA LEU B 392 5.02 -40.45 -1.72
C LEU B 392 5.60 -40.37 -0.31
N SER B 393 4.74 -40.55 0.69
CA SER B 393 5.13 -40.48 2.10
C SER B 393 5.99 -41.66 2.53
N GLN B 394 5.86 -42.77 1.81
CA GLN B 394 6.52 -44.03 2.17
C GLN B 394 7.71 -44.34 1.26
N SER B 395 8.04 -43.40 0.36
CA SER B 395 9.18 -43.54 -0.54
C SER B 395 10.02 -42.27 -0.59
N ARG B 396 11.24 -42.35 -0.04
CA ARG B 396 12.17 -41.22 -0.02
C ARG B 396 12.62 -40.83 -1.43
N GLU B 397 12.90 -41.84 -2.25
CA GLU B 397 13.32 -41.64 -3.64
C GLU B 397 12.25 -40.94 -4.49
N MET B 398 10.98 -41.25 -4.22
CA MET B 398 9.87 -40.59 -4.90
C MET B 398 9.72 -39.14 -4.42
N ALA B 399 9.88 -38.94 -3.11
CA ALA B 399 9.80 -37.60 -2.51
C ALA B 399 10.90 -36.69 -3.05
N ASP B 400 12.11 -37.25 -3.21
CA ASP B 400 13.23 -36.52 -3.82
C ASP B 400 12.93 -36.10 -5.26
N GLU B 401 12.39 -37.04 -6.05
CA GLU B 401 12.07 -36.79 -7.45
C GLU B 401 10.96 -35.75 -7.59
N PHE B 402 9.89 -35.91 -6.82
CA PHE B 402 8.78 -34.98 -6.80
C PHE B 402 9.22 -33.57 -6.40
N THR B 403 10.10 -33.50 -5.40
CA THR B 403 10.63 -32.24 -4.90
C THR B 403 11.46 -31.52 -5.96
N ASP B 404 12.46 -32.21 -6.51
CA ASP B 404 13.33 -31.62 -7.53
C ASP B 404 12.57 -31.24 -8.79
N ASN B 405 11.50 -31.99 -9.09
CA ASN B 405 10.68 -31.71 -10.27
C ASN B 405 9.81 -30.45 -10.17
N PHE B 406 9.86 -29.77 -9.02
CA PHE B 406 9.32 -28.41 -8.92
C PHE B 406 10.05 -27.46 -9.88
N ASN B 407 11.31 -27.79 -10.17
CA ASN B 407 12.10 -27.09 -11.17
C ASN B 407 11.66 -27.37 -12.60
N TYR B 408 10.94 -28.47 -12.81
CA TYR B 408 10.50 -28.88 -14.14
C TYR B 408 9.00 -29.23 -14.15
N PRO B 409 8.14 -28.21 -14.27
CA PRO B 409 6.69 -28.44 -14.24
C PRO B 409 6.16 -29.29 -15.40
N GLU B 410 6.88 -29.29 -16.52
CA GLU B 410 6.48 -30.10 -17.68
C GLU B 410 6.53 -31.60 -17.38
N ARG B 411 7.52 -32.03 -16.60
CA ARG B 411 7.62 -33.43 -16.24
C ARG B 411 6.74 -33.79 -15.03
N GLN B 412 6.33 -32.77 -14.28
CA GLN B 412 5.28 -32.94 -13.26
C GLN B 412 3.95 -33.22 -13.94
N TRP B 413 3.65 -32.49 -15.01
CA TRP B 413 2.43 -32.72 -15.77
C TRP B 413 2.45 -34.07 -16.48
N ASP B 414 3.64 -34.57 -16.80
CA ASP B 414 3.80 -35.92 -17.34
C ASP B 414 3.34 -36.98 -16.33
N ARG B 415 3.38 -36.63 -15.05
CA ARG B 415 2.94 -37.53 -13.98
C ARG B 415 1.46 -37.36 -13.65
N PHE B 416 0.98 -36.11 -13.65
CA PHE B 416 -0.34 -35.79 -13.11
C PHE B 416 -1.48 -35.58 -14.12
N SER B 417 -1.15 -35.49 -15.41
CA SER B 417 -2.15 -35.17 -16.45
C SER B 417 -3.32 -36.14 -16.56
N SER B 418 -3.10 -37.40 -16.19
CA SER B 418 -4.15 -38.41 -16.21
C SER B 418 -4.01 -39.37 -15.02
N PRO B 419 -5.12 -39.99 -14.58
CA PRO B 419 -5.10 -41.02 -13.54
C PRO B 419 -4.19 -42.21 -13.89
N GLU B 420 -4.08 -42.53 -15.18
CA GLU B 420 -3.23 -43.62 -15.64
C GLU B 420 -1.74 -43.29 -15.49
N ARG B 421 -1.40 -42.03 -15.69
CA ARG B 421 -0.03 -41.56 -15.53
C ARG B 421 0.38 -41.45 -14.06
N ILE B 422 -0.57 -41.05 -13.21
CA ILE B 422 -0.37 -41.05 -11.76
C ILE B 422 -0.08 -42.49 -11.27
N GLY B 423 -0.92 -43.43 -11.71
CA GLY B 423 -0.79 -44.84 -11.35
C GLY B 423 0.49 -45.48 -11.83
N GLN B 424 0.89 -45.14 -13.06
CA GLN B 424 2.12 -45.65 -13.66
C GLN B 424 3.36 -45.19 -12.89
N TRP B 425 3.34 -43.92 -12.47
CA TRP B 425 4.45 -43.33 -11.71
C TRP B 425 4.56 -43.92 -10.30
N CYS B 426 3.41 -44.19 -9.67
CA CYS B 426 3.38 -44.79 -8.34
C CYS B 426 3.94 -46.21 -8.32
N SER B 427 3.69 -46.96 -9.39
CA SER B 427 4.14 -48.35 -9.52
C SER B 427 5.65 -48.48 -9.72
N GLN B 428 6.31 -47.37 -9.98
CA GLN B 428 7.76 -47.34 -10.17
C GLN B 428 8.52 -47.48 -8.85
N PHE B 429 7.84 -47.24 -7.74
CA PHE B 429 8.47 -47.23 -6.42
C PHE B 429 8.05 -48.38 -5.51
N ALA B 430 6.75 -48.56 -5.34
CA ALA B 430 6.19 -49.71 -4.60
C ALA B 430 4.75 -50.01 -5.01
#